data_5HF8
#
_entry.id   5HF8
#
_cell.length_a   104.861
_cell.length_b   104.861
_cell.length_c   326.314
_cell.angle_alpha   90.000
_cell.angle_beta   90.000
_cell.angle_gamma   120.000
#
_symmetry.space_group_name_H-M   'P 31 2 1'
#
loop_
_entity.id
_entity.type
_entity.pdbx_description
1 polymer Acetylcholinesterase
2 branched 2-acetamido-2-deoxy-beta-D-glucopyranose-(1-4)-[alpha-L-fucopyranose-(1-6)]2-acetamido-2-deoxy-beta-D-glucopyranose
3 non-polymer 'ETHYL DIHYDROGEN PHOSPHATE'
4 non-polymer 'DIETHYL PHOSPHONATE'
5 non-polymer 1,2-ETHANEDIOL
6 non-polymer 2-acetamido-2-deoxy-beta-D-glucopyranose
7 non-polymer 'NITRATE ION'
8 water water
#
_entity_poly.entity_id   1
_entity_poly.type   'polypeptide(L)'
_entity_poly.pdbx_seq_one_letter_code
;GREDAELLVTVRGGRLRGIRLKTPGGPVSAFLGIPFAEPPMGPRRFLPPEPKQPWSGVVDATTFQSVCYQYVDTLYPGFE
GTEMWNPNRELSEDCLYLNVWTPYPRPTSPTPVLVWIYGGGFYSGASSLDVYDGRFLVQAERTVLVSMNYRVGAFGFLAL
PGSREAPGNVGLLDQRLALQWVQENVAAFGGDPTSVTLFGESAGAASVGMHLLSPPSRGLFHRAVLQSGAPNGPWATVGM
GEARRRATQLAHLVGCPPGGTGGNDTELVACLRTRPAQVLVNHEWHVLPQESVFRFSFVPVVDGDFLSDTPEALINAGDF
HGLQVLVGVVKDEGSYFLVYGAPGFSKDNESLISRAEFLAGVRVGVPQVSDLAAEAVVLHYTDWLHPEDPARLREALSDV
VGDHNVVCPVAQLAGRLAAQGARVYAYVFEHRASTLSWPLWMGVPHGYEIEFIFGIPLDPSRNYTAEEKIFAQRLMRYWA
NFARTGDPNEPRDPKAPQWPPYTAGAQQYVSLDLRPLEVRRGLRAQACAFWNRFLPKLLSAT
;
_entity_poly.pdbx_strand_id   A,B
#
# COMPACT_ATOMS: atom_id res chain seq x y z
N GLU A 3 43.13 20.49 50.23
CA GLU A 3 41.83 20.67 49.59
C GLU A 3 41.97 20.92 48.08
N ASP A 4 41.08 20.33 47.28
CA ASP A 4 41.18 20.44 45.83
C ASP A 4 40.32 21.57 45.27
N ALA A 5 40.97 22.64 44.82
CA ALA A 5 40.28 23.84 44.34
C ALA A 5 39.39 23.58 43.11
N GLU A 6 39.83 22.66 42.25
CA GLU A 6 39.11 22.33 41.03
C GLU A 6 37.69 21.80 41.28
N LEU A 7 37.45 21.29 42.47
CA LEU A 7 36.15 20.74 42.81
C LEU A 7 35.25 21.72 43.57
N LEU A 8 35.71 22.96 43.74
CA LEU A 8 34.87 24.00 44.32
C LEU A 8 34.46 24.99 43.25
N VAL A 9 33.15 25.17 43.08
CA VAL A 9 32.60 26.08 42.06
C VAL A 9 31.50 26.93 42.69
N THR A 10 31.41 28.18 42.27
CA THR A 10 30.34 29.05 42.75
C THR A 10 29.39 29.39 41.60
N VAL A 11 28.13 29.06 41.78
CA VAL A 11 27.09 29.37 40.80
C VAL A 11 26.23 30.45 41.40
N ARG A 12 25.27 30.98 40.65
CA ARG A 12 24.55 32.17 41.11
C ARG A 12 23.88 31.93 42.46
N GLY A 13 23.50 30.68 42.72
CA GLY A 13 22.80 30.35 43.94
C GLY A 13 23.69 30.07 45.12
N GLY A 14 25.00 29.95 44.89
CA GLY A 14 25.91 29.63 45.96
C GLY A 14 27.05 28.70 45.58
N ARG A 15 27.61 28.03 46.57
CA ARG A 15 28.82 27.24 46.39
C ARG A 15 28.55 25.73 46.33
N LEU A 16 29.36 25.03 45.52
CA LEU A 16 29.26 23.58 45.35
C LEU A 16 30.60 22.85 45.56
N ARG A 17 30.51 21.65 46.10
N ARG A 17 30.55 21.66 46.12
CA ARG A 17 31.65 20.76 46.19
CA ARG A 17 31.73 20.79 46.16
C ARG A 17 31.40 19.51 45.33
C ARG A 17 31.45 19.52 45.36
N GLY A 18 32.18 19.35 44.27
CA GLY A 18 32.05 18.19 43.40
C GLY A 18 32.99 17.05 43.75
N ILE A 19 33.22 16.18 42.78
CA ILE A 19 33.98 14.97 43.03
C ILE A 19 34.82 14.63 41.81
N ARG A 20 36.00 14.08 42.04
CA ARG A 20 36.85 13.64 40.95
C ARG A 20 36.50 12.19 40.56
N LEU A 21 36.31 11.95 39.28
CA LEU A 21 35.96 10.61 38.81
C LEU A 21 37.10 10.02 38.00
N LYS A 22 37.25 8.71 38.05
CA LYS A 22 38.30 8.07 37.28
C LYS A 22 37.75 7.48 36.00
N THR A 23 38.55 7.55 34.94
CA THR A 23 38.28 6.86 33.68
C THR A 23 39.59 6.22 33.23
N PRO A 24 39.53 5.29 32.27
CA PRO A 24 40.80 4.72 31.80
C PRO A 24 41.67 5.74 31.07
N GLY A 25 41.14 6.93 30.80
CA GLY A 25 41.90 7.93 30.08
C GLY A 25 42.30 9.11 30.93
N GLY A 26 41.95 9.06 32.22
CA GLY A 26 42.29 10.14 33.11
C GLY A 26 41.10 10.64 33.90
N PRO A 27 41.36 11.50 34.88
CA PRO A 27 40.28 12.02 35.74
C PRO A 27 39.35 13.03 35.06
N VAL A 28 38.18 13.18 35.64
CA VAL A 28 37.15 14.07 35.16
C VAL A 28 36.50 14.71 36.40
N SER A 29 36.12 15.99 36.31
CA SER A 29 35.45 16.63 37.44
C SER A 29 33.96 16.43 37.28
N ALA A 30 33.27 16.09 38.37
CA ALA A 30 31.82 15.90 38.28
C ALA A 30 31.09 16.64 39.39
N PHE A 31 29.97 17.25 39.03
CA PHE A 31 29.12 17.93 40.00
C PHE A 31 27.73 17.34 39.87
N LEU A 32 27.37 16.51 40.84
CA LEU A 32 26.17 15.69 40.74
C LEU A 32 25.12 16.15 41.73
N GLY A 33 23.86 16.15 41.30
CA GLY A 33 22.78 16.52 42.18
C GLY A 33 22.78 17.98 42.59
N ILE A 34 23.01 18.87 41.63
CA ILE A 34 22.89 20.30 41.82
C ILE A 34 21.43 20.74 41.74
N PRO A 35 20.91 21.39 42.78
CA PRO A 35 19.50 21.85 42.76
C PRO A 35 19.31 23.05 41.85
N PHE A 36 18.31 23.00 40.98
CA PHE A 36 18.12 24.10 40.02
C PHE A 36 16.69 24.59 40.10
N ALA A 37 15.85 23.84 40.80
CA ALA A 37 14.51 24.30 41.12
C ALA A 37 14.20 24.12 42.59
N GLU A 38 13.18 24.82 43.09
CA GLU A 38 12.63 24.53 44.41
C GLU A 38 11.87 23.22 44.32
N PRO A 39 11.94 22.38 45.37
CA PRO A 39 11.26 21.07 45.27
C PRO A 39 9.78 21.24 44.99
N PRO A 40 9.28 20.61 43.91
CA PRO A 40 7.87 20.75 43.55
C PRO A 40 6.97 19.81 44.35
N MET A 41 6.94 20.01 45.67
CA MET A 41 6.10 19.20 46.53
C MET A 41 5.01 20.05 47.19
N GLY A 42 4.13 19.37 47.91
CA GLY A 42 3.01 20.03 48.55
C GLY A 42 2.20 20.84 47.57
N PRO A 43 2.09 22.14 47.85
CA PRO A 43 1.32 23.06 47.00
C PRO A 43 1.97 23.27 45.63
N ARG A 44 3.23 22.89 45.48
CA ARG A 44 3.94 23.10 44.23
C ARG A 44 3.80 21.95 43.24
N ARG A 45 3.11 20.89 43.64
CA ARG A 45 2.83 19.79 42.74
C ARG A 45 1.96 20.28 41.59
N PHE A 46 2.27 19.80 40.38
CA PHE A 46 1.59 20.21 39.15
C PHE A 46 1.89 21.65 38.70
N LEU A 47 2.69 22.38 39.47
CA LEU A 47 3.04 23.76 39.11
C LEU A 47 4.32 23.86 38.28
N PRO A 48 4.44 24.93 37.49
CA PRO A 48 5.73 25.21 36.84
C PRO A 48 6.86 25.26 37.86
N PRO A 49 8.10 24.96 37.45
CA PRO A 49 9.19 24.98 38.42
C PRO A 49 9.59 26.40 38.82
N GLU A 50 9.81 26.59 40.11
CA GLU A 50 10.37 27.84 40.62
C GLU A 50 11.87 27.70 40.74
N PRO A 51 12.59 28.72 40.28
CA PRO A 51 14.06 28.73 40.37
C PRO A 51 14.53 28.52 41.80
N LYS A 52 15.57 27.70 41.98
CA LYS A 52 16.15 27.42 43.29
C LYS A 52 16.55 28.71 44.01
N GLN A 53 16.04 28.91 45.21
N GLN A 53 16.03 28.94 45.20
CA GLN A 53 16.45 30.05 46.03
CA GLN A 53 16.42 30.13 45.95
C GLN A 53 17.91 29.90 46.44
C GLN A 53 17.83 29.95 46.51
N PRO A 54 18.64 31.02 46.50
CA PRO A 54 20.05 30.98 46.92
C PRO A 54 20.28 30.38 48.30
N TRP A 55 21.32 29.57 48.43
CA TRP A 55 21.67 28.90 49.68
C TRP A 55 23.00 29.43 50.23
N SER A 56 23.21 29.21 51.52
CA SER A 56 24.46 29.57 52.16
C SER A 56 25.20 28.29 52.50
N GLY A 57 26.52 28.39 52.66
CA GLY A 57 27.29 27.21 52.90
C GLY A 57 27.50 26.46 51.60
N VAL A 58 27.94 25.21 51.70
CA VAL A 58 28.37 24.47 50.53
C VAL A 58 27.48 23.28 50.28
N VAL A 59 26.82 23.27 49.12
CA VAL A 59 25.97 22.16 48.73
C VAL A 59 26.83 20.98 48.31
N ASP A 60 26.55 19.82 48.88
CA ASP A 60 27.27 18.60 48.54
C ASP A 60 26.83 18.10 47.17
N ALA A 61 27.73 18.17 46.19
CA ALA A 61 27.40 17.73 44.84
C ALA A 61 28.25 16.55 44.40
N THR A 62 28.31 15.51 45.23
CA THR A 62 29.23 14.41 44.97
C THR A 62 28.53 13.10 44.61
N THR A 63 27.20 13.12 44.65
CA THR A 63 26.42 11.93 44.37
C THR A 63 25.11 12.30 43.64
N PHE A 64 24.54 11.35 42.90
CA PHE A 64 23.25 11.56 42.23
C PHE A 64 22.14 11.76 43.26
N GLN A 65 21.20 12.63 42.93
CA GLN A 65 20.02 12.86 43.76
C GLN A 65 18.85 11.97 43.36
N SER A 66 17.74 12.12 44.07
CA SER A 66 16.56 11.27 43.87
C SER A 66 16.01 11.23 42.45
N VAL A 67 15.34 10.12 42.13
CA VAL A 67 14.63 9.95 40.86
C VAL A 67 13.21 10.49 40.99
N CYS A 68 12.70 11.15 39.96
CA CYS A 68 11.33 11.62 40.00
C CYS A 68 10.39 10.44 40.06
N TYR A 69 9.31 10.57 40.81
CA TYR A 69 8.35 9.49 40.99
C TYR A 69 7.83 8.91 39.67
N GLN A 70 7.85 7.59 39.56
CA GLN A 70 7.50 6.91 38.32
C GLN A 70 7.20 5.45 38.57
N TYR A 71 6.40 4.85 37.69
CA TYR A 71 6.16 3.42 37.75
C TYR A 71 7.49 2.67 37.57
N VAL A 72 7.68 1.60 38.33
CA VAL A 72 8.85 0.76 38.15
C VAL A 72 8.50 -0.54 37.41
N ASP A 73 9.14 -0.74 36.27
CA ASP A 73 8.84 -1.87 35.41
C ASP A 73 9.17 -3.22 36.06
N THR A 74 8.15 -4.07 36.22
CA THR A 74 8.30 -5.38 36.86
C THR A 74 7.98 -6.54 35.93
N LEU A 75 8.22 -6.36 34.63
CA LEU A 75 7.90 -7.40 33.65
C LEU A 75 8.84 -8.60 33.73
N TYR A 76 10.15 -8.32 33.79
CA TYR A 76 11.13 -9.38 33.95
C TYR A 76 12.07 -9.06 35.11
N PRO A 77 11.57 -9.20 36.35
CA PRO A 77 12.38 -8.81 37.52
C PRO A 77 13.76 -9.46 37.53
N GLY A 78 14.79 -8.67 37.79
CA GLY A 78 16.16 -9.16 37.84
C GLY A 78 16.87 -9.22 36.50
N PHE A 79 16.10 -9.17 35.42
CA PHE A 79 16.66 -9.19 34.07
C PHE A 79 17.42 -7.90 33.74
N GLU A 80 18.67 -8.04 33.29
CA GLU A 80 19.53 -6.89 33.01
C GLU A 80 18.91 -5.92 32.01
N GLY A 81 18.27 -6.46 30.99
CA GLY A 81 17.68 -5.66 29.92
C GLY A 81 16.58 -4.70 30.36
N THR A 82 15.87 -5.03 31.43
CA THR A 82 14.84 -4.11 31.90
C THR A 82 15.34 -3.27 33.07
N GLU A 83 16.16 -3.85 33.94
CA GLU A 83 16.59 -3.18 35.16
C GLU A 83 17.48 -1.98 34.85
N MET A 84 18.20 -2.04 33.73
CA MET A 84 19.12 -0.97 33.37
C MET A 84 18.39 0.33 33.07
N TRP A 85 17.07 0.29 32.95
CA TRP A 85 16.27 1.49 32.71
C TRP A 85 15.52 1.89 33.96
N ASN A 86 15.58 1.06 34.97
CA ASN A 86 14.82 1.31 36.18
C ASN A 86 15.52 2.31 37.11
N PRO A 87 14.75 3.04 37.93
CA PRO A 87 15.32 3.97 38.90
C PRO A 87 16.43 3.34 39.73
N ASN A 88 17.58 3.99 39.83
CA ASN A 88 18.65 3.45 40.67
C ASN A 88 19.02 4.39 41.83
N ARG A 89 18.08 5.26 42.19
CA ARG A 89 18.10 6.00 43.44
C ARG A 89 16.68 5.97 43.99
N GLU A 90 16.49 6.37 45.24
CA GLU A 90 15.14 6.35 45.79
C GLU A 90 14.26 7.36 45.02
N LEU A 91 12.97 7.07 44.94
CA LEU A 91 12.02 7.98 44.30
C LEU A 91 11.71 9.14 45.23
N SER A 92 11.41 10.29 44.64
CA SER A 92 11.00 11.48 45.40
C SER A 92 10.49 12.58 44.46
N GLU A 93 9.50 13.33 44.93
CA GLU A 93 9.08 14.51 44.19
C GLU A 93 10.16 15.59 44.29
N ASP A 94 11.01 15.45 45.29
CA ASP A 94 12.18 16.30 45.45
C ASP A 94 13.26 15.73 44.54
N CYS A 95 13.17 16.03 43.25
CA CYS A 95 13.98 15.36 42.25
C CYS A 95 14.55 16.29 41.17
N LEU A 96 14.24 17.58 41.26
CA LEU A 96 14.71 18.51 40.26
C LEU A 96 16.17 18.91 40.53
N TYR A 97 17.07 18.06 40.04
CA TYR A 97 18.50 18.27 40.18
C TYR A 97 19.15 18.05 38.82
N LEU A 98 20.29 18.67 38.58
CA LEU A 98 21.04 18.42 37.36
C LEU A 98 22.50 18.08 37.68
N ASN A 99 23.22 17.61 36.66
CA ASN A 99 24.56 17.09 36.82
C ASN A 99 25.47 17.70 35.78
N VAL A 100 26.67 18.07 36.21
CA VAL A 100 27.66 18.63 35.31
C VAL A 100 28.94 17.80 35.36
N TRP A 101 29.39 17.33 34.21
CA TRP A 101 30.69 16.72 34.05
C TRP A 101 31.58 17.67 33.25
N THR A 102 32.85 17.74 33.59
CA THR A 102 33.75 18.65 32.92
C THR A 102 35.18 18.09 33.03
N PRO A 103 36.05 18.41 32.06
CA PRO A 103 37.44 17.93 32.13
C PRO A 103 38.15 18.36 33.41
N TYR A 104 39.19 17.61 33.77
CA TYR A 104 40.04 17.93 34.92
C TYR A 104 41.48 18.12 34.44
N PRO A 105 42.07 19.31 34.71
CA PRO A 105 41.44 20.43 35.42
C PRO A 105 40.43 21.16 34.51
N ARG A 106 39.53 21.94 35.11
CA ARG A 106 38.46 22.60 34.36
C ARG A 106 39.02 23.42 33.22
N PRO A 107 38.33 23.40 32.07
CA PRO A 107 38.76 24.20 30.92
C PRO A 107 38.86 25.67 31.31
N THR A 108 39.83 26.37 30.74
CA THR A 108 40.01 27.77 31.07
C THR A 108 39.62 28.63 29.89
N SER A 109 39.46 27.98 28.73
CA SER A 109 38.83 28.59 27.57
C SER A 109 37.45 27.96 27.37
N PRO A 110 36.48 28.73 26.84
CA PRO A 110 35.11 28.24 26.62
C PRO A 110 35.05 26.94 25.81
N THR A 111 34.30 25.99 26.37
CA THR A 111 34.20 24.63 25.84
C THR A 111 32.75 24.37 25.41
N PRO A 112 32.55 23.72 24.26
CA PRO A 112 31.19 23.37 23.82
C PRO A 112 30.45 22.53 24.86
N VAL A 113 29.14 22.74 24.96
CA VAL A 113 28.33 22.07 25.97
C VAL A 113 27.31 21.10 25.35
N LEU A 114 27.26 19.88 25.87
CA LEU A 114 26.23 18.93 25.48
C LEU A 114 25.20 18.76 26.59
N VAL A 115 23.92 18.96 26.29
CA VAL A 115 22.90 18.75 27.31
C VAL A 115 22.03 17.53 26.99
N TRP A 116 22.07 16.54 27.87
CA TRP A 116 21.33 15.29 27.69
C TRP A 116 19.93 15.32 28.31
N ILE A 117 18.94 14.87 27.54
CA ILE A 117 17.57 14.72 28.03
C ILE A 117 17.09 13.27 27.89
N TYR A 118 16.83 12.60 29.01
CA TYR A 118 16.54 11.16 28.95
C TYR A 118 15.14 10.87 28.43
N GLY A 119 14.98 9.68 27.85
CA GLY A 119 13.68 9.20 27.44
C GLY A 119 13.05 8.33 28.52
N GLY A 120 11.98 7.63 28.15
CA GLY A 120 11.22 6.86 29.11
C GLY A 120 9.74 7.11 28.92
N GLY A 121 9.36 7.51 27.71
CA GLY A 121 7.98 7.61 27.28
C GLY A 121 7.16 8.68 27.95
N PHE A 122 7.85 9.59 28.66
CA PHE A 122 7.24 10.63 29.48
C PHE A 122 6.59 10.04 30.73
N TYR A 123 6.84 8.76 31.00
CA TYR A 123 6.30 8.12 32.20
C TYR A 123 7.43 7.60 33.09
N SER A 124 8.66 7.71 32.62
CA SER A 124 9.79 7.25 33.42
C SER A 124 11.09 7.90 32.95
N GLY A 125 12.17 7.55 33.63
CA GLY A 125 13.50 7.95 33.21
C GLY A 125 14.23 8.61 34.36
N ALA A 126 15.55 8.63 34.28
CA ALA A 126 16.33 9.37 35.24
C ALA A 126 17.71 9.67 34.69
N SER A 127 18.31 10.76 35.14
CA SER A 127 19.61 11.17 34.65
C SER A 127 20.73 10.39 35.30
N SER A 128 20.38 9.56 36.29
CA SER A 128 21.41 8.85 37.06
C SER A 128 21.67 7.43 36.61
N LEU A 129 20.96 6.95 35.58
CA LEU A 129 21.20 5.61 35.08
C LEU A 129 22.65 5.46 34.62
N ASP A 130 23.25 4.32 34.94
CA ASP A 130 24.66 4.06 34.61
C ASP A 130 24.97 4.33 33.15
N VAL A 131 23.99 4.06 32.30
CA VAL A 131 24.18 4.12 30.87
C VAL A 131 24.28 5.58 30.37
N TYR A 132 23.89 6.56 31.21
CA TYR A 132 24.04 7.97 30.83
C TYR A 132 25.26 8.62 31.52
N ASP A 133 26.18 7.81 32.02
CA ASP A 133 27.41 8.30 32.65
C ASP A 133 28.20 9.24 31.73
N GLY A 134 28.34 10.49 32.14
CA GLY A 134 28.98 11.51 31.30
C GLY A 134 30.49 11.46 31.21
N ARG A 135 31.13 10.73 32.12
CA ARG A 135 32.58 10.79 32.26
C ARG A 135 33.40 10.42 31.00
N PHE A 136 32.94 9.46 30.19
CA PHE A 136 33.77 9.05 29.04
C PHE A 136 33.72 10.06 27.90
N LEU A 137 32.55 10.64 27.65
CA LEU A 137 32.42 11.68 26.64
C LEU A 137 33.27 12.88 26.96
N VAL A 138 33.16 13.32 28.20
CA VAL A 138 33.90 14.47 28.67
C VAL A 138 35.41 14.27 28.53
N GLN A 139 35.90 13.10 28.91
CA GLN A 139 37.34 12.86 28.90
C GLN A 139 37.84 12.78 27.46
N ALA A 140 37.13 12.03 26.65
CA ALA A 140 37.56 11.73 25.28
C ALA A 140 37.40 12.91 24.31
N GLU A 141 36.42 13.78 24.55
CA GLU A 141 36.09 14.78 23.55
C GLU A 141 36.12 16.17 24.15
N ARG A 142 36.42 16.22 25.44
CA ARG A 142 36.69 17.47 26.13
C ARG A 142 35.59 18.48 25.89
N THR A 143 34.36 18.02 26.05
CA THR A 143 33.20 18.89 26.12
C THR A 143 32.76 19.00 27.56
N VAL A 144 31.88 19.94 27.84
CA VAL A 144 31.17 19.92 29.10
C VAL A 144 29.86 19.19 28.85
N LEU A 145 29.45 18.34 29.79
CA LEU A 145 28.21 17.60 29.63
C LEU A 145 27.30 17.85 30.81
N VAL A 146 26.03 18.12 30.50
CA VAL A 146 24.98 18.40 31.49
C VAL A 146 23.78 17.51 31.23
N SER A 147 23.24 16.92 32.28
CA SER A 147 21.94 16.23 32.20
C SER A 147 21.08 16.69 33.37
N MET A 148 19.77 16.77 33.17
CA MET A 148 18.86 17.14 34.25
C MET A 148 17.80 16.06 34.50
N ASN A 149 17.19 16.10 35.68
CA ASN A 149 15.98 15.33 35.91
C ASN A 149 14.80 16.20 35.57
N TYR A 150 13.73 15.61 35.04
CA TYR A 150 12.50 16.36 34.85
C TYR A 150 11.33 15.47 35.27
N ARG A 151 10.28 16.09 35.81
CA ARG A 151 9.12 15.35 36.27
C ARG A 151 8.46 14.58 35.13
N VAL A 152 8.02 13.35 35.43
CA VAL A 152 7.36 12.53 34.43
C VAL A 152 5.98 12.11 34.92
N GLY A 153 5.27 11.36 34.08
CA GLY A 153 3.94 10.90 34.42
C GLY A 153 3.03 12.06 34.81
N ALA A 154 2.15 11.83 35.77
CA ALA A 154 1.17 12.85 36.13
C ALA A 154 1.86 14.07 36.73
N PHE A 155 2.97 13.84 37.44
CA PHE A 155 3.71 14.93 38.08
C PHE A 155 4.27 15.92 37.07
N GLY A 156 4.50 15.45 35.86
CA GLY A 156 5.08 16.30 34.83
C GLY A 156 4.08 16.78 33.78
N PHE A 157 3.01 16.03 33.56
CA PHE A 157 2.15 16.30 32.40
C PHE A 157 0.66 16.16 32.62
N LEU A 158 0.23 16.02 33.87
CA LEU A 158 -1.20 16.13 34.14
C LEU A 158 -1.62 17.57 33.82
N ALA A 159 -2.70 17.73 33.07
CA ALA A 159 -3.09 19.06 32.66
C ALA A 159 -4.59 19.28 32.78
N LEU A 160 -4.95 20.37 33.44
CA LEU A 160 -6.30 20.92 33.35
C LEU A 160 -6.21 22.24 32.61
N PRO A 161 -6.22 22.18 31.26
CA PRO A 161 -5.97 23.33 30.38
C PRO A 161 -6.79 24.56 30.74
N GLY A 162 -6.09 25.67 30.99
CA GLY A 162 -6.74 26.92 31.28
C GLY A 162 -6.62 27.29 32.74
N SER A 163 -6.37 26.28 33.58
CA SER A 163 -6.24 26.49 35.02
C SER A 163 -4.82 26.85 35.37
N ARG A 164 -4.65 27.64 36.42
CA ARG A 164 -3.29 27.98 36.85
C ARG A 164 -2.77 26.95 37.86
N GLU A 165 -3.64 26.04 38.30
CA GLU A 165 -3.26 25.05 39.31
C GLU A 165 -2.63 23.82 38.67
N ALA A 166 -2.96 23.56 37.42
CA ALA A 166 -2.31 22.49 36.67
C ALA A 166 -2.37 22.80 35.18
N PRO A 167 -1.43 23.62 34.70
CA PRO A 167 -1.39 24.14 33.32
C PRO A 167 -0.87 23.14 32.28
N GLY A 168 -0.14 22.12 32.71
CA GLY A 168 0.41 21.15 31.78
C GLY A 168 1.81 21.50 31.31
N ASN A 169 2.52 20.47 30.84
CA ASN A 169 3.86 20.60 30.28
C ASN A 169 4.92 21.05 31.30
N VAL A 170 4.65 20.92 32.59
CA VAL A 170 5.62 21.43 33.57
C VAL A 170 6.94 20.63 33.51
N GLY A 171 6.88 19.41 33.00
CA GLY A 171 8.08 18.62 32.85
C GLY A 171 8.96 19.23 31.77
N LEU A 172 8.31 19.68 30.70
CA LEU A 172 8.98 20.43 29.66
C LEU A 172 9.56 21.71 30.26
N LEU A 173 8.82 22.33 31.16
CA LEU A 173 9.29 23.54 31.82
C LEU A 173 10.46 23.24 32.74
N ASP A 174 10.47 22.06 33.37
CA ASP A 174 11.64 21.65 34.15
C ASP A 174 12.88 21.64 33.24
N GLN A 175 12.72 21.08 32.06
CA GLN A 175 13.83 20.98 31.12
C GLN A 175 14.30 22.38 30.72
N ARG A 176 13.34 23.27 30.49
CA ARG A 176 13.67 24.63 30.12
C ARG A 176 14.42 25.35 31.23
N LEU A 177 13.99 25.14 32.46
CA LEU A 177 14.65 25.79 33.59
C LEU A 177 16.10 25.34 33.68
N ALA A 178 16.33 24.05 33.47
CA ALA A 178 17.69 23.54 33.42
C ALA A 178 18.48 24.19 32.28
N LEU A 179 17.87 24.36 31.12
CA LEU A 179 18.53 25.07 30.03
C LEU A 179 18.84 26.54 30.39
N GLN A 180 17.91 27.20 31.10
CA GLN A 180 18.17 28.54 31.61
C GLN A 180 19.36 28.49 32.59
N TRP A 181 19.33 27.50 33.48
CA TRP A 181 20.40 27.33 34.46
C TRP A 181 21.74 27.21 33.76
N VAL A 182 21.77 26.46 32.67
CA VAL A 182 23.01 26.24 31.93
C VAL A 182 23.48 27.55 31.29
N GLN A 183 22.54 28.34 30.81
CA GLN A 183 22.85 29.68 30.26
C GLN A 183 23.55 30.56 31.28
N GLU A 184 22.99 30.63 32.48
CA GLU A 184 23.56 31.47 33.52
C GLU A 184 24.82 30.90 34.20
N ASN A 185 24.99 29.58 34.26
CA ASN A 185 26.05 29.02 35.11
C ASN A 185 27.10 28.14 34.47
N VAL A 186 26.91 27.72 33.23
CA VAL A 186 27.82 26.73 32.68
C VAL A 186 29.24 27.31 32.55
N ALA A 187 29.34 28.64 32.44
CA ALA A 187 30.63 29.29 32.25
C ALA A 187 31.53 29.09 33.48
N ALA A 188 30.91 28.96 34.65
CA ALA A 188 31.63 28.68 35.89
C ALA A 188 32.32 27.31 35.86
N PHE A 189 31.96 26.47 34.90
CA PHE A 189 32.58 25.15 34.74
C PHE A 189 33.47 25.09 33.50
N GLY A 190 33.54 26.16 32.74
CA GLY A 190 34.37 26.17 31.55
C GLY A 190 33.57 25.99 30.28
N GLY A 191 32.26 25.92 30.42
CA GLY A 191 31.41 25.71 29.27
C GLY A 191 31.07 27.01 28.56
N ASP A 192 30.91 26.93 27.25
CA ASP A 192 30.49 28.07 26.46
C ASP A 192 28.99 28.10 26.27
N PRO A 193 28.30 29.03 26.94
CA PRO A 193 26.83 29.12 26.86
C PRO A 193 26.29 29.48 25.47
N THR A 194 27.16 29.85 24.54
CA THR A 194 26.70 30.17 23.19
C THR A 194 26.85 28.96 22.28
N SER A 195 27.38 27.87 22.83
CA SER A 195 27.58 26.66 22.06
C SER A 195 26.97 25.42 22.74
N VAL A 196 25.68 25.50 23.05
CA VAL A 196 24.98 24.39 23.68
C VAL A 196 24.26 23.50 22.65
N THR A 197 24.51 22.19 22.72
CA THR A 197 23.87 21.21 21.87
C THR A 197 22.97 20.28 22.67
N LEU A 198 21.67 20.29 22.38
CA LEU A 198 20.72 19.35 22.98
C LEU A 198 20.80 17.98 22.31
N PHE A 199 20.84 16.93 23.12
CA PHE A 199 20.54 15.62 22.54
C PHE A 199 19.74 14.78 23.51
N GLY A 200 18.88 13.94 22.94
CA GLY A 200 18.04 13.06 23.72
C GLY A 200 17.64 11.85 22.92
N GLU A 201 17.11 10.84 23.62
CA GLU A 201 16.64 9.64 22.99
C GLU A 201 15.15 9.44 23.29
N SER A 202 14.40 8.92 22.31
CA SER A 202 12.96 8.58 22.46
C SER A 202 12.11 9.80 22.91
N ALA A 203 11.52 9.74 24.10
CA ALA A 203 10.80 10.90 24.66
C ALA A 203 11.76 12.07 24.88
N GLY A 204 13.03 11.76 25.11
CA GLY A 204 14.04 12.79 25.20
C GLY A 204 14.25 13.51 23.87
N ALA A 205 14.29 12.71 22.79
CA ALA A 205 14.35 13.25 21.45
C ALA A 205 13.10 14.08 21.13
N ALA A 206 11.93 13.57 21.48
CA ALA A 206 10.70 14.33 21.31
C ALA A 206 10.80 15.65 22.08
N SER A 207 11.37 15.61 23.28
CA SER A 207 11.52 16.82 24.10
C SER A 207 12.37 17.85 23.39
N VAL A 208 13.50 17.39 22.86
CA VAL A 208 14.42 18.24 22.10
C VAL A 208 13.68 18.95 20.98
N GLY A 209 12.96 18.16 20.17
CA GLY A 209 12.14 18.68 19.10
C GLY A 209 11.13 19.70 19.56
N MET A 210 10.58 19.51 20.75
CA MET A 210 9.58 20.46 21.22
C MET A 210 10.25 21.74 21.67
N HIS A 211 11.49 21.65 22.17
CA HIS A 211 12.23 22.86 22.46
C HIS A 211 12.59 23.61 21.17
N LEU A 212 12.85 22.88 20.09
CA LEU A 212 13.04 23.50 18.78
C LEU A 212 11.85 24.34 18.37
N LEU A 213 10.65 23.89 18.74
CA LEU A 213 9.41 24.43 18.22
C LEU A 213 8.73 25.40 19.17
N SER A 214 9.36 25.62 20.32
CA SER A 214 8.85 26.56 21.31
C SER A 214 9.84 27.70 21.49
N PRO A 215 9.52 28.88 20.94
CA PRO A 215 10.43 30.03 20.88
C PRO A 215 11.13 30.43 22.20
N PRO A 216 10.44 30.38 23.36
CA PRO A 216 11.20 30.68 24.59
C PRO A 216 12.33 29.69 24.88
N SER A 217 12.26 28.47 24.34
CA SER A 217 13.34 27.49 24.51
C SER A 217 14.42 27.66 23.45
N ARG A 218 14.01 28.05 22.25
CA ARG A 218 14.90 28.01 21.09
C ARG A 218 16.15 28.90 21.26
N GLY A 219 16.05 29.97 22.04
CA GLY A 219 17.20 30.81 22.32
C GLY A 219 18.09 30.33 23.46
N LEU A 220 17.88 29.09 23.89
CA LEU A 220 18.66 28.55 25.00
C LEU A 220 19.66 27.50 24.54
N PHE A 221 19.65 27.20 23.25
CA PHE A 221 20.58 26.20 22.71
C PHE A 221 20.80 26.44 21.22
N HIS A 222 21.84 25.83 20.67
CA HIS A 222 22.27 26.11 19.31
C HIS A 222 21.93 24.98 18.34
N ARG A 223 22.36 23.77 18.66
CA ARG A 223 22.18 22.61 17.79
C ARG A 223 21.36 21.54 18.50
N ALA A 224 20.85 20.58 17.73
CA ALA A 224 20.02 19.52 18.30
C ALA A 224 20.33 18.15 17.72
N VAL A 225 20.26 17.13 18.57
CA VAL A 225 20.38 15.75 18.14
C VAL A 225 19.15 15.00 18.62
N LEU A 226 18.51 14.28 17.71
CA LEU A 226 17.32 13.51 18.06
C LEU A 226 17.52 12.08 17.70
N GLN A 227 17.64 11.23 18.72
CA GLN A 227 17.83 9.80 18.52
C GLN A 227 16.55 9.00 18.80
N SER A 228 15.99 8.40 17.76
CA SER A 228 14.87 7.47 17.88
C SER A 228 13.65 8.10 18.54
N GLY A 229 13.34 9.31 18.11
CA GLY A 229 12.24 10.04 18.69
C GLY A 229 12.05 11.37 17.98
N ALA A 230 10.84 11.90 18.08
CA ALA A 230 10.47 13.07 17.33
C ALA A 230 9.23 13.69 17.94
N PRO A 231 9.13 15.02 17.93
CA PRO A 231 7.97 15.64 18.59
C PRO A 231 6.65 15.33 17.88
N ASN A 232 6.72 14.84 16.65
CA ASN A 232 5.53 14.64 15.83
C ASN A 232 5.04 13.18 15.81
N GLY A 233 5.72 12.31 16.58
CA GLY A 233 5.21 10.97 16.79
C GLY A 233 3.82 10.97 17.40
N PRO A 234 3.02 9.95 17.06
CA PRO A 234 1.62 9.80 17.50
C PRO A 234 1.45 9.62 19.02
N TRP A 235 2.54 9.30 19.71
CA TRP A 235 2.50 9.04 21.15
C TRP A 235 2.94 10.24 22.00
N ALA A 236 3.50 11.28 21.38
CA ALA A 236 4.23 12.30 22.13
C ALA A 236 3.40 13.53 22.53
N THR A 237 2.20 13.64 22.00
CA THR A 237 1.34 14.76 22.35
C THR A 237 -0.12 14.34 22.50
N VAL A 238 -0.87 15.20 23.15
CA VAL A 238 -2.27 14.96 23.41
C VAL A 238 -2.95 16.33 23.27
N GLY A 239 -4.21 16.34 22.84
CA GLY A 239 -4.96 17.58 22.73
C GLY A 239 -5.53 18.03 24.05
N MET A 240 -5.95 19.29 24.11
CA MET A 240 -6.48 19.89 25.33
C MET A 240 -7.67 19.16 25.91
N GLY A 241 -8.62 18.83 25.04
CA GLY A 241 -9.86 18.22 25.49
C GLY A 241 -9.62 16.84 26.05
N GLU A 242 -8.76 16.09 25.38
CA GLU A 242 -8.43 14.75 25.83
C GLU A 242 -7.59 14.80 27.11
N ALA A 243 -6.75 15.83 27.25
CA ALA A 243 -5.96 15.98 28.47
C ALA A 243 -6.87 16.17 29.67
N ARG A 244 -7.88 17.04 29.52
CA ARG A 244 -8.78 17.33 30.61
C ARG A 244 -9.53 16.08 31.05
N ARG A 245 -9.99 15.31 30.07
CA ARG A 245 -10.65 14.06 30.34
C ARG A 245 -9.74 13.17 31.20
N ARG A 246 -8.49 13.02 30.75
CA ARG A 246 -7.54 12.14 31.42
C ARG A 246 -7.20 12.61 32.83
N ALA A 247 -7.02 13.92 32.99
CA ALA A 247 -6.75 14.47 34.31
C ALA A 247 -7.91 14.17 35.26
N THR A 248 -9.12 14.31 34.75
CA THR A 248 -10.34 14.08 35.52
C THR A 248 -10.50 12.62 35.90
N GLN A 249 -10.17 11.73 34.97
CA GLN A 249 -10.28 10.31 35.22
C GLN A 249 -9.31 9.85 36.31
N LEU A 250 -8.10 10.40 36.31
CA LEU A 250 -7.13 10.04 37.32
C LEU A 250 -7.67 10.47 38.68
N ALA A 251 -8.32 11.63 38.71
CA ALA A 251 -8.90 12.13 39.94
C ALA A 251 -9.94 11.16 40.51
N HIS A 252 -10.84 10.69 39.66
CA HIS A 252 -11.91 9.79 40.11
C HIS A 252 -11.32 8.47 40.62
N LEU A 253 -10.32 7.96 39.92
CA LEU A 253 -9.68 6.69 40.29
C LEU A 253 -9.00 6.72 41.67
N VAL A 254 -8.65 7.92 42.15
CA VAL A 254 -7.96 8.05 43.43
C VAL A 254 -8.84 8.73 44.49
N GLY A 255 -10.14 8.83 44.21
CA GLY A 255 -11.11 9.24 45.19
C GLY A 255 -11.28 10.74 45.28
N CYS A 256 -11.11 11.42 44.15
CA CYS A 256 -11.21 12.87 44.13
C CYS A 256 -12.36 13.31 43.28
N PRO A 257 -13.08 14.33 43.74
CA PRO A 257 -14.29 14.83 43.07
C PRO A 257 -14.01 15.60 41.78
N ASN A 264 -15.20 21.96 39.25
CA ASN A 264 -14.25 23.00 39.66
C ASN A 264 -12.80 22.50 39.66
N ASP A 265 -11.97 23.08 38.80
CA ASP A 265 -10.57 22.67 38.68
C ASP A 265 -9.77 22.86 39.98
N THR A 266 -10.05 23.93 40.69
CA THR A 266 -9.34 24.22 41.94
C THR A 266 -9.56 23.12 42.98
N GLU A 267 -10.80 22.66 43.11
CA GLU A 267 -11.11 21.61 44.09
C GLU A 267 -10.48 20.29 43.68
N LEU A 268 -10.45 20.04 42.38
CA LEU A 268 -9.91 18.81 41.84
C LEU A 268 -8.40 18.70 42.08
N VAL A 269 -7.68 19.78 41.79
CA VAL A 269 -6.22 19.78 41.93
C VAL A 269 -5.83 19.75 43.40
N ALA A 270 -6.60 20.46 44.22
CA ALA A 270 -6.31 20.51 45.66
C ALA A 270 -6.40 19.11 46.25
N CYS A 271 -7.36 18.33 45.77
CA CYS A 271 -7.55 16.97 46.24
C CYS A 271 -6.41 16.06 45.77
N LEU A 272 -6.04 16.19 44.50
CA LEU A 272 -4.89 15.45 43.97
C LEU A 272 -3.62 15.73 44.79
N ARG A 273 -3.50 16.96 45.29
CA ARG A 273 -2.30 17.33 46.03
C ARG A 273 -2.24 16.66 47.41
N THR A 274 -3.39 16.18 47.90
CA THR A 274 -3.44 15.53 49.21
C THR A 274 -3.00 14.08 49.13
N ARG A 275 -3.02 13.51 47.92
CA ARG A 275 -2.68 12.10 47.72
C ARG A 275 -1.18 11.84 47.66
N PRO A 276 -0.71 10.77 48.32
CA PRO A 276 0.71 10.38 48.22
C PRO A 276 1.12 10.10 46.78
N ALA A 277 2.37 10.41 46.45
CA ALA A 277 2.85 10.24 45.08
C ALA A 277 2.60 8.83 44.55
N GLN A 278 2.85 7.84 45.40
CA GLN A 278 2.75 6.43 44.99
C GLN A 278 1.34 6.07 44.54
N VAL A 279 0.35 6.73 45.13
CA VAL A 279 -1.05 6.55 44.76
C VAL A 279 -1.32 6.99 43.31
N LEU A 280 -0.78 8.15 42.93
CA LEU A 280 -0.94 8.64 41.57
C LEU A 280 -0.22 7.71 40.59
N VAL A 281 0.98 7.27 40.93
CA VAL A 281 1.69 6.34 40.07
C VAL A 281 0.87 5.08 39.82
N ASN A 282 0.21 4.57 40.86
CA ASN A 282 -0.49 3.28 40.75
C ASN A 282 -1.75 3.32 39.89
N HIS A 283 -2.20 4.52 39.55
CA HIS A 283 -3.41 4.65 38.74
C HIS A 283 -3.17 5.32 37.39
N GLU A 284 -2.01 5.95 37.26
CA GLU A 284 -1.49 6.51 36.00
C GLU A 284 -1.76 5.65 34.77
N TRP A 285 -1.52 4.36 34.92
CA TRP A 285 -1.56 3.44 33.79
C TRP A 285 -2.94 2.86 33.54
N HIS A 286 -3.96 3.43 34.17
CA HIS A 286 -5.30 2.86 34.11
C HIS A 286 -6.34 3.92 33.77
N VAL A 287 -5.86 5.06 33.27
CA VAL A 287 -6.73 6.17 32.94
C VAL A 287 -7.35 5.99 31.55
N LEU A 288 -6.65 5.24 30.72
CA LEU A 288 -7.17 4.87 29.42
C LEU A 288 -7.45 3.38 29.40
N PRO A 289 -8.53 2.99 28.69
CA PRO A 289 -8.91 1.57 28.56
C PRO A 289 -7.81 0.73 27.90
N GLN A 290 -7.34 1.17 26.73
CA GLN A 290 -6.29 0.45 26.01
C GLN A 290 -4.97 1.20 26.12
N GLU A 291 -4.43 1.26 27.33
CA GLU A 291 -3.25 2.09 27.60
C GLU A 291 -1.97 1.26 27.55
N SER A 292 -0.98 1.81 26.85
CA SER A 292 0.28 1.11 26.65
C SER A 292 1.42 2.11 26.65
N VAL A 293 2.61 1.63 26.30
CA VAL A 293 3.80 2.49 26.27
C VAL A 293 3.74 3.46 25.11
N PHE A 294 2.85 3.19 24.16
CA PHE A 294 2.66 4.02 22.96
C PHE A 294 1.37 4.80 23.01
N ARG A 295 0.73 4.76 24.17
CA ARG A 295 -0.44 5.57 24.41
C ARG A 295 -0.53 5.80 25.90
N PHE A 296 0.44 6.53 26.45
CA PHE A 296 0.45 6.82 27.87
C PHE A 296 -0.43 8.02 28.21
N SER A 297 -0.90 8.05 29.44
CA SER A 297 -1.85 9.06 29.89
C SER A 297 -1.35 10.49 29.81
N PHE A 298 -0.18 10.71 30.39
CA PHE A 298 0.26 12.06 30.64
C PHE A 298 1.51 12.38 29.88
N VAL A 299 1.30 13.05 28.76
CA VAL A 299 2.34 13.44 27.83
C VAL A 299 2.20 14.95 27.60
N PRO A 300 3.13 15.57 26.85
CA PRO A 300 2.96 16.98 26.48
C PRO A 300 1.60 17.33 25.86
N VAL A 301 1.02 18.43 26.31
CA VAL A 301 -0.27 18.88 25.80
C VAL A 301 -0.09 20.05 24.82
N VAL A 302 -0.82 20.03 23.71
CA VAL A 302 -0.86 21.18 22.80
C VAL A 302 -1.93 22.16 23.25
N ASP A 303 -1.53 23.24 23.90
CA ASP A 303 -2.49 24.16 24.51
C ASP A 303 -2.33 25.60 24.06
N GLY A 304 -1.56 25.84 23.01
CA GLY A 304 -1.30 27.20 22.56
C GLY A 304 -0.18 27.92 23.29
N ASP A 305 0.20 27.44 24.47
CA ASP A 305 1.25 28.09 25.24
C ASP A 305 2.64 27.56 24.86
N PHE A 306 3.08 26.47 25.50
CA PHE A 306 4.38 25.91 25.19
C PHE A 306 4.47 25.55 23.71
N LEU A 307 3.43 24.89 23.21
CA LEU A 307 3.26 24.60 21.80
C LEU A 307 2.05 25.37 21.25
N SER A 308 2.29 26.34 20.37
CA SER A 308 1.21 27.19 19.84
C SER A 308 0.29 26.42 18.88
N ASP A 309 0.83 25.41 18.21
CA ASP A 309 0.06 24.52 17.36
C ASP A 309 0.61 23.09 17.52
N THR A 310 0.11 22.14 16.75
CA THR A 310 0.67 20.79 16.80
C THR A 310 2.11 20.80 16.26
N PRO A 311 2.93 19.86 16.73
CA PRO A 311 4.29 19.81 16.18
C PRO A 311 4.30 19.61 14.65
N GLU A 312 3.36 18.81 14.11
CA GLU A 312 3.23 18.65 12.66
CA GLU A 312 3.21 18.64 12.67
C GLU A 312 3.07 20.00 11.99
N ALA A 313 2.08 20.76 12.46
CA ALA A 313 1.80 22.09 11.94
C ALA A 313 3.01 23.03 12.07
N LEU A 314 3.63 23.06 13.25
CA LEU A 314 4.76 23.97 13.51
C LEU A 314 5.96 23.64 12.63
N ILE A 315 6.17 22.35 12.40
CA ILE A 315 7.22 21.91 11.52
C ILE A 315 6.99 22.41 10.10
N ASN A 316 5.79 22.21 9.56
CA ASN A 316 5.49 22.61 8.19
C ASN A 316 5.58 24.13 7.95
N ALA A 317 5.28 24.91 8.97
CA ALA A 317 5.25 26.36 8.84
C ALA A 317 6.59 27.00 9.21
N GLY A 318 7.56 26.17 9.57
CA GLY A 318 8.78 26.70 10.13
C GLY A 318 9.87 27.10 9.16
N ASP A 319 10.65 28.10 9.57
CA ASP A 319 11.82 28.50 8.83
C ASP A 319 13.05 28.01 9.60
N PHE A 320 13.73 27.01 9.05
CA PHE A 320 14.78 26.35 9.82
C PHE A 320 16.16 26.58 9.26
N HIS A 321 16.33 27.66 8.51
CA HIS A 321 17.67 28.10 8.16
C HIS A 321 18.41 28.43 9.46
N GLY A 322 19.70 28.13 9.51
CA GLY A 322 20.48 28.43 10.70
C GLY A 322 20.45 27.34 11.75
N LEU A 323 19.88 26.19 11.39
CA LEU A 323 19.78 25.05 12.28
C LEU A 323 20.45 23.82 11.70
N GLN A 324 21.32 23.19 12.50
CA GLN A 324 21.89 21.89 12.14
C GLN A 324 21.32 20.81 13.06
N VAL A 325 20.86 19.71 12.48
CA VAL A 325 20.24 18.65 13.25
C VAL A 325 20.89 17.32 12.93
N LEU A 326 21.13 16.54 13.97
CA LEU A 326 21.58 15.16 13.81
C LEU A 326 20.43 14.24 14.24
N VAL A 327 19.94 13.39 13.33
CA VAL A 327 18.82 12.51 13.67
C VAL A 327 19.09 11.07 13.25
N GLY A 328 18.47 10.12 13.92
CA GLY A 328 18.66 8.72 13.55
C GLY A 328 17.82 7.70 14.28
N VAL A 329 17.92 6.47 13.83
CA VAL A 329 17.11 5.39 14.38
C VAL A 329 17.98 4.15 14.54
N VAL A 330 17.51 3.19 15.33
CA VAL A 330 18.18 1.89 15.35
C VAL A 330 17.55 0.99 14.29
N LYS A 331 18.23 -0.12 13.98
CA LYS A 331 17.83 -1.02 12.89
C LYS A 331 16.46 -1.66 13.13
N ASP A 332 16.14 -1.92 14.40
CA ASP A 332 14.92 -2.62 14.76
C ASP A 332 14.10 -1.90 15.84
N GLU A 333 13.55 -0.74 15.50
CA GLU A 333 12.91 0.13 16.48
C GLU A 333 11.72 -0.50 17.21
N GLY A 334 11.04 -1.42 16.56
CA GLY A 334 9.80 -1.94 17.09
C GLY A 334 9.91 -3.18 17.98
N SER A 335 10.95 -3.98 17.77
CA SER A 335 11.07 -5.28 18.43
C SER A 335 10.97 -5.21 19.95
N TYR A 336 11.70 -4.27 20.56
CA TYR A 336 11.70 -4.09 22.02
C TYR A 336 10.30 -3.90 22.60
N PHE A 337 9.48 -3.12 21.91
CA PHE A 337 8.17 -2.74 22.43
C PHE A 337 7.15 -3.87 22.38
N LEU A 338 7.43 -4.89 21.59
CA LEU A 338 6.46 -5.95 21.34
C LEU A 338 6.16 -6.79 22.59
N VAL A 339 7.13 -6.91 23.50
CA VAL A 339 6.90 -7.70 24.72
C VAL A 339 6.14 -6.92 25.80
N TYR A 340 5.70 -5.71 25.47
CA TYR A 340 4.95 -4.88 26.39
C TYR A 340 3.50 -4.70 25.95
N GLY A 341 2.87 -5.78 25.47
CA GLY A 341 1.44 -5.74 25.17
C GLY A 341 0.96 -6.54 23.97
N ALA A 342 1.86 -6.81 23.03
CA ALA A 342 1.50 -7.56 21.84
C ALA A 342 1.40 -9.05 22.16
N PRO A 343 0.24 -9.66 21.86
CA PRO A 343 0.00 -11.07 22.16
C PRO A 343 0.96 -12.02 21.42
N GLY A 344 1.43 -13.04 22.14
CA GLY A 344 2.29 -14.06 21.57
C GLY A 344 3.77 -13.79 21.77
N PHE A 345 4.10 -12.66 22.37
CA PHE A 345 5.49 -12.23 22.47
C PHE A 345 6.13 -12.44 23.85
N SER A 346 7.38 -12.88 23.82
CA SER A 346 8.19 -13.05 25.02
C SER A 346 9.67 -13.04 24.65
N LYS A 347 10.49 -12.52 25.56
CA LYS A 347 11.94 -12.51 25.38
C LYS A 347 12.54 -13.92 25.50
N ASP A 348 11.71 -14.87 25.92
CA ASP A 348 12.22 -16.19 26.30
C ASP A 348 11.92 -17.27 25.25
N ASN A 349 11.13 -16.92 24.23
CA ASN A 349 11.00 -17.77 23.04
C ASN A 349 11.11 -16.95 21.75
N GLU A 350 10.93 -17.61 20.61
CA GLU A 350 11.14 -16.98 19.30
C GLU A 350 10.05 -15.99 18.93
N SER A 351 8.96 -16.02 19.68
CA SER A 351 7.82 -15.13 19.44
C SER A 351 7.24 -15.26 18.03
N LEU A 352 7.25 -16.49 17.50
CA LEU A 352 6.58 -16.78 16.24
C LEU A 352 5.06 -16.71 16.45
N ILE A 353 4.40 -15.78 15.77
CA ILE A 353 2.97 -15.56 15.99
C ILE A 353 2.10 -16.00 14.82
N SER A 354 0.84 -16.31 15.13
CA SER A 354 -0.15 -16.65 14.12
C SER A 354 -0.79 -15.39 13.55
N ARG A 355 -1.42 -15.51 12.38
CA ARG A 355 -2.03 -14.36 11.75
C ARG A 355 -3.09 -13.70 12.64
N ALA A 356 -3.80 -14.50 13.43
CA ALA A 356 -4.80 -13.94 14.32
C ALA A 356 -4.12 -13.01 15.33
N GLU A 357 -3.01 -13.48 15.89
CA GLU A 357 -2.21 -12.67 16.82
C GLU A 357 -1.68 -11.40 16.13
N PHE A 358 -1.24 -11.56 14.88
CA PHE A 358 -0.75 -10.43 14.09
C PHE A 358 -1.81 -9.34 13.97
N LEU A 359 -3.03 -9.73 13.66
CA LEU A 359 -4.12 -8.77 13.49
C LEU A 359 -4.42 -8.08 14.81
N ALA A 360 -4.40 -8.84 15.90
CA ALA A 360 -4.61 -8.27 17.22
C ALA A 360 -3.44 -7.38 17.62
N GLY A 361 -2.23 -7.79 17.26
CA GLY A 361 -1.02 -7.03 17.54
C GLY A 361 -1.06 -5.66 16.90
N VAL A 362 -1.66 -5.58 15.72
CA VAL A 362 -1.77 -4.33 14.99
C VAL A 362 -2.66 -3.31 15.71
N ARG A 363 -3.77 -3.76 16.31
CA ARG A 363 -4.62 -2.85 17.08
C ARG A 363 -3.94 -2.32 18.35
N VAL A 364 -2.91 -3.03 18.84
CA VAL A 364 -2.18 -2.59 20.02
C VAL A 364 -1.10 -1.57 19.64
N GLY A 365 -0.32 -1.91 18.62
CA GLY A 365 0.73 -1.03 18.14
C GLY A 365 0.21 0.24 17.50
N VAL A 366 -1.01 0.20 16.97
CA VAL A 366 -1.62 1.40 16.40
C VAL A 366 -2.97 1.68 17.07
N PRO A 367 -2.93 2.14 18.33
CA PRO A 367 -4.15 2.27 19.13
C PRO A 367 -5.07 3.41 18.69
N GLN A 368 -6.37 3.20 18.88
CA GLN A 368 -7.42 4.20 18.61
C GLN A 368 -7.41 4.72 17.17
N VAL A 369 -7.56 3.80 16.22
CA VAL A 369 -7.82 4.18 14.84
C VAL A 369 -8.95 3.32 14.31
N SER A 370 -9.68 3.82 13.32
CA SER A 370 -10.85 3.12 12.78
C SER A 370 -10.45 1.74 12.23
N ASP A 371 -11.44 0.86 12.10
CA ASP A 371 -11.21 -0.46 11.53
C ASP A 371 -10.65 -0.33 10.12
N LEU A 372 -11.16 0.66 9.39
CA LEU A 372 -10.66 0.96 8.05
C LEU A 372 -9.16 1.25 8.09
N ALA A 373 -8.75 2.14 8.99
CA ALA A 373 -7.34 2.49 9.15
C ALA A 373 -6.49 1.26 9.49
N ALA A 374 -7.00 0.41 10.37
CA ALA A 374 -6.29 -0.78 10.80
C ALA A 374 -6.20 -1.76 9.65
N GLU A 375 -7.23 -1.76 8.81
CA GLU A 375 -7.29 -2.63 7.64
C GLU A 375 -6.20 -2.26 6.66
N ALA A 376 -6.02 -0.96 6.45
CA ALA A 376 -4.96 -0.46 5.57
C ALA A 376 -3.58 -0.87 6.09
N VAL A 377 -3.39 -0.87 7.40
CA VAL A 377 -2.11 -1.23 7.97
C VAL A 377 -1.83 -2.70 7.66
N VAL A 378 -2.84 -3.53 7.86
CA VAL A 378 -2.69 -4.95 7.59
C VAL A 378 -2.46 -5.23 6.11
N LEU A 379 -3.11 -4.44 5.24
CA LEU A 379 -2.88 -4.56 3.80
C LEU A 379 -1.42 -4.29 3.43
N HIS A 380 -0.89 -3.16 3.88
N HIS A 380 -0.88 -3.17 3.89
CA HIS A 380 0.46 -2.75 3.50
CA HIS A 380 0.46 -2.77 3.47
C HIS A 380 1.51 -3.73 4.01
C HIS A 380 1.56 -3.65 4.07
N TYR A 381 1.28 -4.26 5.21
CA TYR A 381 2.30 -5.07 5.89
C TYR A 381 2.12 -6.56 5.74
N THR A 382 1.12 -6.98 4.97
CA THR A 382 0.98 -8.41 4.66
C THR A 382 1.70 -8.72 3.36
N ASP A 383 2.53 -9.76 3.38
CA ASP A 383 3.02 -10.40 2.16
C ASP A 383 1.96 -11.38 1.68
N TRP A 384 1.29 -11.06 0.57
CA TRP A 384 0.13 -11.86 0.17
C TRP A 384 0.51 -13.16 -0.54
N LEU A 385 1.80 -13.39 -0.77
CA LEU A 385 2.30 -14.70 -1.18
C LEU A 385 2.61 -15.59 0.03
N HIS A 386 2.67 -14.99 1.21
CA HIS A 386 2.99 -15.71 2.44
C HIS A 386 2.19 -15.15 3.62
N PRO A 387 0.86 -15.09 3.50
CA PRO A 387 0.10 -14.29 4.48
C PRO A 387 0.12 -14.81 5.92
N GLU A 388 0.61 -16.02 6.16
CA GLU A 388 0.47 -16.66 7.47
C GLU A 388 1.77 -17.21 8.03
N ASP A 389 2.88 -16.99 7.34
CA ASP A 389 4.21 -17.39 7.83
C ASP A 389 4.55 -16.67 9.13
N PRO A 390 4.69 -17.43 10.22
CA PRO A 390 4.89 -16.90 11.58
C PRO A 390 6.15 -16.03 11.75
N ALA A 391 7.27 -16.41 11.16
CA ALA A 391 8.49 -15.61 11.24
C ALA A 391 8.34 -14.25 10.56
N ARG A 392 7.74 -14.26 9.36
CA ARG A 392 7.48 -13.03 8.61
C ARG A 392 6.49 -12.11 9.34
N LEU A 393 5.57 -12.71 10.08
CA LEU A 393 4.53 -11.98 10.79
C LEU A 393 5.09 -11.29 12.01
N ARG A 394 6.08 -11.91 12.62
CA ARG A 394 6.77 -11.32 13.76
C ARG A 394 7.55 -10.10 13.29
N GLU A 395 8.30 -10.24 12.21
CA GLU A 395 9.06 -9.13 11.63
C GLU A 395 8.12 -8.01 11.19
N ALA A 396 6.94 -8.37 10.70
CA ALA A 396 6.05 -7.38 10.12
C ALA A 396 5.41 -6.53 11.20
N LEU A 397 5.02 -7.15 12.31
CA LEU A 397 4.43 -6.41 13.40
C LEU A 397 5.48 -5.51 14.07
N SER A 398 6.71 -6.03 14.14
CA SER A 398 7.84 -5.23 14.62
C SER A 398 8.00 -3.99 13.74
N ASP A 399 7.96 -4.18 12.44
CA ASP A 399 8.00 -3.08 11.49
C ASP A 399 6.80 -2.15 11.62
N VAL A 400 5.59 -2.70 11.81
CA VAL A 400 4.43 -1.85 11.97
C VAL A 400 4.65 -0.90 13.14
N VAL A 401 4.93 -1.47 14.30
CA VAL A 401 5.10 -0.71 15.51
C VAL A 401 6.28 0.27 15.43
N GLY A 402 7.41 -0.21 14.94
CA GLY A 402 8.60 0.62 14.76
C GLY A 402 8.41 1.77 13.79
N ASP A 403 7.76 1.49 12.66
CA ASP A 403 7.56 2.50 11.61
C ASP A 403 6.57 3.58 12.05
N HIS A 404 5.49 3.17 12.69
CA HIS A 404 4.44 4.11 13.10
C HIS A 404 4.89 5.04 14.23
N ASN A 405 5.64 4.50 15.19
CA ASN A 405 5.98 5.30 16.37
C ASN A 405 7.34 5.99 16.32
N VAL A 406 8.28 5.47 15.56
CA VAL A 406 9.60 6.06 15.57
C VAL A 406 10.10 6.45 14.20
N VAL A 407 10.31 5.47 13.33
CA VAL A 407 11.04 5.70 12.09
C VAL A 407 10.37 6.73 11.19
N CYS A 408 9.08 6.58 10.96
CA CYS A 408 8.42 7.49 10.02
C CYS A 408 8.21 8.89 10.62
N PRO A 409 7.90 8.99 11.92
CA PRO A 409 7.96 10.37 12.46
C PRO A 409 9.34 11.01 12.32
N VAL A 410 10.42 10.27 12.58
CA VAL A 410 11.75 10.83 12.42
C VAL A 410 12.00 11.16 10.95
N ALA A 411 11.60 10.27 10.05
CA ALA A 411 11.75 10.50 8.61
C ALA A 411 11.04 11.76 8.13
N GLN A 412 9.85 11.98 8.66
CA GLN A 412 9.09 13.17 8.30
C GLN A 412 9.76 14.43 8.79
N LEU A 413 10.24 14.39 10.04
CA LEU A 413 10.92 15.52 10.64
C LEU A 413 12.15 15.89 9.82
N ALA A 414 12.96 14.88 9.53
CA ALA A 414 14.17 15.07 8.73
C ALA A 414 13.85 15.73 7.40
N GLY A 415 12.83 15.19 6.72
CA GLY A 415 12.47 15.68 5.41
C GLY A 415 12.04 17.13 5.44
N ARG A 416 11.15 17.44 6.37
CA ARG A 416 10.59 18.77 6.44
C ARG A 416 11.62 19.78 6.92
N LEU A 417 12.42 19.42 7.92
CA LEU A 417 13.45 20.33 8.40
C LEU A 417 14.44 20.65 7.28
N ALA A 418 14.75 19.65 6.46
CA ALA A 418 15.71 19.82 5.39
C ALA A 418 15.16 20.79 4.34
N ALA A 419 13.95 20.50 3.86
CA ALA A 419 13.32 21.29 2.82
C ALA A 419 13.10 22.74 3.24
N GLN A 420 13.09 22.98 4.54
CA GLN A 420 12.82 24.31 5.06
C GLN A 420 14.02 25.00 5.69
N GLY A 421 15.21 24.50 5.38
CA GLY A 421 16.44 25.24 5.63
C GLY A 421 17.43 24.68 6.62
N ALA A 422 17.10 23.58 7.27
CA ALA A 422 18.01 23.02 8.25
C ALA A 422 19.05 22.17 7.53
N ARG A 423 20.26 22.14 8.06
CA ARG A 423 21.20 21.11 7.60
C ARG A 423 21.04 19.86 8.49
N VAL A 424 20.68 18.75 7.86
CA VAL A 424 20.30 17.55 8.58
C VAL A 424 21.28 16.40 8.33
N TYR A 425 21.66 15.67 9.37
CA TYR A 425 22.40 14.43 9.14
C TYR A 425 21.63 13.25 9.74
N ALA A 426 21.45 12.20 8.94
CA ALA A 426 20.68 11.04 9.36
C ALA A 426 21.52 9.76 9.43
N TYR A 427 21.19 8.91 10.39
CA TYR A 427 21.90 7.64 10.53
C TYR A 427 20.93 6.51 10.85
N VAL A 428 21.35 5.29 10.56
CA VAL A 428 20.70 4.12 11.11
C VAL A 428 21.75 3.33 11.86
N PHE A 429 21.49 3.07 13.13
CA PHE A 429 22.43 2.38 13.99
C PHE A 429 22.24 0.87 13.87
N GLU A 430 23.26 0.17 13.39
CA GLU A 430 23.07 -1.22 12.99
C GLU A 430 23.88 -2.25 13.77
N HIS A 431 24.61 -1.82 14.78
CA HIS A 431 25.40 -2.76 15.55
C HIS A 431 24.65 -3.28 16.77
N ARG A 432 24.60 -4.60 16.88
CA ARG A 432 24.04 -5.22 18.06
C ARG A 432 25.13 -5.42 19.11
N ALA A 433 24.93 -4.85 20.29
CA ALA A 433 25.91 -4.93 21.36
C ALA A 433 26.23 -6.38 21.76
N SER A 434 27.52 -6.70 21.79
CA SER A 434 27.98 -8.04 22.20
C SER A 434 27.48 -8.42 23.60
N THR A 435 27.08 -7.43 24.39
CA THR A 435 26.65 -7.64 25.78
C THR A 435 25.13 -7.64 25.92
N LEU A 436 24.43 -7.64 24.79
CA LEU A 436 22.98 -7.49 24.81
C LEU A 436 22.28 -8.71 25.36
N SER A 437 21.44 -8.49 26.36
CA SER A 437 20.77 -9.58 27.08
C SER A 437 19.39 -9.92 26.52
N TRP A 438 18.89 -9.10 25.59
CA TRP A 438 17.66 -9.42 24.87
C TRP A 438 17.93 -10.48 23.79
N PRO A 439 16.90 -11.24 23.40
CA PRO A 439 17.05 -12.34 22.43
C PRO A 439 17.52 -11.90 21.05
N LEU A 440 18.08 -12.86 20.33
CA LEU A 440 18.63 -12.61 19.00
C LEU A 440 17.60 -12.07 17.99
N TRP A 441 16.33 -12.45 18.15
CA TRP A 441 15.30 -12.07 17.18
C TRP A 441 14.91 -10.60 17.24
N MET A 442 15.33 -9.93 18.31
CA MET A 442 15.02 -8.51 18.47
C MET A 442 15.99 -7.61 17.72
N GLY A 443 17.11 -8.17 17.27
CA GLY A 443 18.09 -7.42 16.50
C GLY A 443 18.77 -6.31 17.27
N VAL A 444 18.69 -5.10 16.73
CA VAL A 444 19.18 -3.92 17.41
C VAL A 444 18.00 -3.15 17.97
N PRO A 445 17.68 -3.39 19.24
CA PRO A 445 16.44 -2.83 19.83
C PRO A 445 16.57 -1.38 20.25
N HIS A 446 15.41 -0.76 20.41
CA HIS A 446 15.30 0.63 20.85
C HIS A 446 16.11 0.92 22.10
N GLY A 447 16.95 1.95 22.00
CA GLY A 447 17.69 2.41 23.16
C GLY A 447 19.09 1.85 23.30
N TYR A 448 19.54 1.01 22.38
CA TYR A 448 20.82 0.36 22.58
C TYR A 448 21.95 0.93 21.71
N GLU A 449 21.75 2.15 21.24
CA GLU A 449 22.84 2.92 20.66
C GLU A 449 23.42 3.85 21.74
N ILE A 450 22.61 4.13 22.76
CA ILE A 450 22.96 5.08 23.80
C ILE A 450 24.30 4.74 24.49
N GLU A 451 24.46 3.48 24.88
CA GLU A 451 25.67 3.07 25.60
C GLU A 451 26.92 3.32 24.78
N PHE A 452 26.81 3.22 23.46
CA PHE A 452 27.93 3.54 22.60
C PHE A 452 28.18 5.04 22.48
N ILE A 453 27.13 5.85 22.48
CA ILE A 453 27.35 7.28 22.36
C ILE A 453 28.06 7.81 23.60
N PHE A 454 27.69 7.28 24.76
CA PHE A 454 28.28 7.71 26.00
C PHE A 454 29.62 7.05 26.29
N GLY A 455 30.03 6.13 25.41
CA GLY A 455 31.34 5.52 25.49
C GLY A 455 31.45 4.50 26.61
N ILE A 456 30.33 3.94 27.04
CA ILE A 456 30.34 2.96 28.10
C ILE A 456 31.29 1.77 27.80
N PRO A 457 31.37 1.31 26.54
CA PRO A 457 32.38 0.29 26.24
C PRO A 457 33.83 0.58 26.67
N LEU A 458 34.15 1.81 27.06
CA LEU A 458 35.50 2.15 27.51
C LEU A 458 35.70 1.73 28.96
N ASP A 459 34.60 1.56 29.68
CA ASP A 459 34.63 1.03 31.05
C ASP A 459 35.09 -0.41 30.99
N PRO A 460 36.30 -0.69 31.50
CA PRO A 460 36.86 -2.03 31.32
C PRO A 460 36.16 -3.06 32.22
N SER A 461 35.51 -2.58 33.28
CA SER A 461 34.76 -3.45 34.19
C SER A 461 33.52 -4.05 33.51
N ARG A 462 33.27 -3.62 32.29
CA ARG A 462 32.19 -4.16 31.49
C ARG A 462 32.85 -4.96 30.36
N ASN A 463 32.06 -5.68 29.58
CA ASN A 463 32.66 -6.75 28.81
C ASN A 463 32.56 -6.57 27.30
N TYR A 464 32.72 -5.33 26.85
CA TYR A 464 32.69 -5.05 25.43
C TYR A 464 34.01 -5.47 24.77
N THR A 465 33.99 -5.64 23.45
CA THR A 465 35.17 -6.07 22.71
C THR A 465 36.08 -4.91 22.32
N ALA A 466 37.31 -5.21 21.94
CA ALA A 466 38.23 -4.18 21.49
C ALA A 466 37.65 -3.44 20.28
N GLU A 467 36.98 -4.18 19.39
CA GLU A 467 36.34 -3.57 18.23
C GLU A 467 35.28 -2.57 18.66
N GLU A 468 34.54 -2.91 19.70
CA GLU A 468 33.45 -2.05 20.18
C GLU A 468 33.95 -0.77 20.86
N LYS A 469 35.12 -0.82 21.50
CA LYS A 469 35.72 0.38 22.06
C LYS A 469 36.12 1.33 20.94
N ILE A 470 36.70 0.79 19.88
CA ILE A 470 37.06 1.61 18.72
C ILE A 470 35.79 2.20 18.09
N PHE A 471 34.72 1.41 18.10
CA PHE A 471 33.45 1.84 17.53
C PHE A 471 32.85 2.97 18.36
N ALA A 472 32.84 2.78 19.66
CA ALA A 472 32.35 3.80 20.58
C ALA A 472 33.11 5.12 20.41
N GLN A 473 34.40 5.05 20.14
CA GLN A 473 35.22 6.25 20.06
C GLN A 473 34.89 7.01 18.77
N ARG A 474 34.56 6.26 17.72
CA ARG A 474 34.14 6.85 16.45
C ARG A 474 32.86 7.63 16.65
N LEU A 475 31.91 7.01 17.34
CA LEU A 475 30.61 7.60 17.56
C LEU A 475 30.71 8.86 18.43
N MET A 476 31.55 8.80 19.47
CA MET A 476 31.73 9.96 20.34
C MET A 476 32.34 11.12 19.57
N ARG A 477 33.21 10.80 18.60
CA ARG A 477 33.83 11.80 17.74
C ARG A 477 32.79 12.43 16.80
N TYR A 478 31.98 11.61 16.13
CA TYR A 478 30.90 12.11 15.27
C TYR A 478 30.02 13.10 16.04
N TRP A 479 29.53 12.64 17.19
CA TRP A 479 28.63 13.43 18.02
C TRP A 479 29.29 14.73 18.49
N ALA A 480 30.50 14.64 19.01
CA ALA A 480 31.25 15.82 19.46
C ALA A 480 31.63 16.74 18.31
N ASN A 481 31.99 16.17 17.16
CA ASN A 481 32.19 16.97 15.96
C ASN A 481 30.98 17.81 15.67
N PHE A 482 29.82 17.14 15.67
CA PHE A 482 28.56 17.82 15.38
C PHE A 482 28.32 18.95 16.38
N ALA A 483 28.57 18.66 17.65
CA ALA A 483 28.40 19.64 18.71
C ALA A 483 29.34 20.87 18.59
N ARG A 484 30.51 20.67 17.99
CA ARG A 484 31.48 21.74 17.82
C ARG A 484 31.26 22.58 16.57
N THR A 485 30.89 21.93 15.46
CA THR A 485 30.86 22.58 14.16
C THR A 485 29.54 22.48 13.40
N GLY A 486 28.67 21.58 13.83
CA GLY A 486 27.43 21.33 13.12
C GLY A 486 27.62 20.34 11.98
N ASP A 487 28.73 19.61 12.04
CA ASP A 487 29.11 18.67 10.99
C ASP A 487 29.81 17.49 11.67
N PRO A 488 29.22 16.28 11.56
CA PRO A 488 29.77 15.09 12.22
C PRO A 488 31.09 14.64 11.59
N ASN A 489 31.31 15.04 10.34
CA ASN A 489 32.48 14.60 9.59
C ASN A 489 33.78 15.10 10.17
N GLU A 490 34.76 14.21 10.24
CA GLU A 490 36.08 14.53 10.77
C GLU A 490 36.65 15.73 10.02
N PRO A 491 36.63 16.90 10.70
CA PRO A 491 36.62 18.27 10.16
C PRO A 491 37.42 18.37 8.87
N ARG A 492 38.69 17.98 8.99
CA ARG A 492 39.51 17.64 7.84
C ARG A 492 39.90 16.17 7.96
N ASP A 493 39.38 15.36 7.05
CA ASP A 493 39.84 13.98 6.91
C ASP A 493 39.44 13.49 5.53
N PRO A 494 40.41 13.50 4.60
CA PRO A 494 40.16 13.18 3.20
C PRO A 494 39.64 11.76 2.96
N LYS A 495 40.47 10.74 3.23
CA LYS A 495 40.20 9.40 2.71
C LYS A 495 39.04 8.69 3.39
N ALA A 496 38.82 8.96 4.69
CA ALA A 496 37.66 8.40 5.40
C ALA A 496 36.36 8.88 4.76
N PRO A 497 35.44 7.94 4.48
CA PRO A 497 34.22 8.23 3.69
C PRO A 497 33.36 9.28 4.39
N GLN A 498 32.73 10.16 3.60
CA GLN A 498 32.05 11.31 4.16
C GLN A 498 30.57 11.05 4.38
N TRP A 499 30.06 11.59 5.47
CA TRP A 499 28.65 11.54 5.81
C TRP A 499 27.95 12.76 5.21
N PRO A 500 27.12 12.53 4.19
CA PRO A 500 26.42 13.63 3.49
C PRO A 500 25.14 14.09 4.19
N PRO A 501 24.78 15.37 4.04
CA PRO A 501 23.51 15.81 4.62
C PRO A 501 22.31 15.09 4.01
N TYR A 502 21.27 14.89 4.83
CA TYR A 502 20.03 14.28 4.39
C TYR A 502 19.14 15.34 3.74
N THR A 503 18.60 15.04 2.56
CA THR A 503 17.71 15.97 1.85
C THR A 503 16.39 15.26 1.44
N ALA A 504 15.34 16.05 1.20
CA ALA A 504 14.02 15.50 0.91
C ALA A 504 14.01 14.70 -0.39
N GLY A 505 14.79 15.17 -1.36
CA GLY A 505 15.01 14.45 -2.60
C GLY A 505 15.87 13.22 -2.41
N ALA A 506 17.17 13.41 -2.21
CA ALA A 506 18.09 12.28 -2.23
C ALA A 506 17.90 11.33 -1.03
N GLN A 507 17.49 11.88 0.12
CA GLN A 507 17.22 11.09 1.32
C GLN A 507 18.40 10.20 1.77
N GLN A 508 19.60 10.77 1.77
CA GLN A 508 20.80 10.01 2.09
C GLN A 508 21.09 9.95 3.59
N TYR A 509 21.45 8.76 4.05
CA TYR A 509 21.80 8.57 5.43
C TYR A 509 22.96 7.58 5.51
N VAL A 510 23.65 7.51 6.66
CA VAL A 510 24.73 6.54 6.81
C VAL A 510 24.39 5.43 7.78
N SER A 511 25.01 4.28 7.59
CA SER A 511 24.88 3.19 8.54
C SER A 511 26.04 3.25 9.52
N LEU A 512 25.72 3.14 10.80
CA LEU A 512 26.74 3.10 11.82
C LEU A 512 26.87 1.69 12.38
N ASP A 513 27.99 1.04 12.10
CA ASP A 513 28.45 -0.10 12.91
C ASP A 513 29.95 -0.31 12.70
N LEU A 514 30.42 -1.55 12.88
CA LEU A 514 31.84 -1.78 12.95
C LEU A 514 32.53 -1.53 11.62
N ARG A 515 31.81 -1.73 10.51
CA ARG A 515 32.33 -1.40 9.18
C ARG A 515 32.37 0.12 9.01
N PRO A 516 33.18 0.63 8.07
CA PRO A 516 33.17 2.07 7.79
C PRO A 516 31.81 2.58 7.31
N LEU A 517 31.61 3.90 7.30
CA LEU A 517 30.35 4.51 6.87
C LEU A 517 29.90 4.02 5.51
N GLU A 518 28.63 3.65 5.42
CA GLU A 518 28.04 3.30 4.13
C GLU A 518 26.84 4.22 3.89
N VAL A 519 26.84 4.93 2.78
CA VAL A 519 25.72 5.82 2.43
C VAL A 519 24.57 5.09 1.74
N ARG A 520 23.35 5.32 2.20
CA ARG A 520 22.18 4.71 1.59
C ARG A 520 21.08 5.76 1.34
N ARG A 521 20.01 5.35 0.66
CA ARG A 521 18.92 6.23 0.31
C ARG A 521 17.63 5.73 0.91
N GLY A 522 16.84 6.65 1.50
CA GLY A 522 15.51 6.33 2.00
C GLY A 522 15.40 5.69 3.37
N LEU A 523 14.77 6.41 4.30
CA LEU A 523 14.47 5.84 5.61
C LEU A 523 13.15 5.11 5.50
N ARG A 524 13.19 3.89 4.98
CA ARG A 524 11.98 3.15 4.65
C ARG A 524 10.97 4.03 3.95
N ALA A 525 11.34 4.57 2.78
CA ALA A 525 10.51 5.54 2.08
C ALA A 525 9.14 4.98 1.67
N GLN A 526 9.10 3.72 1.26
CA GLN A 526 7.83 3.14 0.85
C GLN A 526 6.86 3.08 2.02
N ALA A 527 7.33 2.56 3.15
CA ALA A 527 6.47 2.41 4.32
C ALA A 527 6.11 3.77 4.90
N CYS A 528 7.04 4.71 4.85
CA CYS A 528 6.79 5.98 5.50
C CYS A 528 5.88 6.84 4.66
N ALA A 529 5.84 6.57 3.37
CA ALA A 529 4.86 7.23 2.52
C ALA A 529 3.47 6.88 3.00
N PHE A 530 3.30 5.62 3.39
CA PHE A 530 2.02 5.15 3.87
C PHE A 530 1.62 5.89 5.13
N TRP A 531 2.53 5.94 6.11
CA TRP A 531 2.23 6.54 7.41
C TRP A 531 2.18 8.07 7.38
N ASN A 532 2.98 8.68 6.52
CA ASN A 532 3.11 10.14 6.56
C ASN A 532 2.24 10.86 5.57
N ARG A 533 1.89 10.17 4.48
CA ARG A 533 1.15 10.80 3.40
C ARG A 533 -0.30 10.31 3.30
N PHE A 534 -0.50 9.00 3.22
CA PHE A 534 -1.86 8.50 3.01
C PHE A 534 -2.71 8.43 4.27
N LEU A 535 -2.22 7.70 5.27
CA LEU A 535 -3.02 7.42 6.46
C LEU A 535 -3.65 8.65 7.16
N PRO A 536 -2.98 9.82 7.16
CA PRO A 536 -3.70 10.98 7.73
C PRO A 536 -4.95 11.39 6.94
N LYS A 537 -4.86 11.37 5.60
CA LYS A 537 -5.99 11.69 4.72
C LYS A 537 -7.17 10.76 4.96
N LEU A 538 -6.86 9.53 5.33
CA LEU A 538 -7.86 8.52 5.66
C LEU A 538 -8.58 8.89 6.95
N LEU A 539 -7.81 9.12 8.01
CA LEU A 539 -8.36 9.45 9.34
C LEU A 539 -9.27 10.69 9.33
N SER A 540 -9.07 11.60 8.39
CA SER A 540 -9.99 12.72 8.17
C SER A 540 -11.30 12.26 7.53
N ALA A 541 -11.38 12.38 6.20
CA ALA A 541 -12.58 11.98 5.46
C ALA A 541 -12.74 10.45 5.43
N GLU B 3 -23.02 -31.76 -56.60
CA GLU B 3 -23.16 -31.33 -55.21
C GLU B 3 -22.43 -32.28 -54.23
N ASP B 4 -21.67 -31.68 -53.30
CA ASP B 4 -20.87 -32.44 -52.33
C ASP B 4 -21.62 -32.69 -51.02
N ALA B 5 -21.59 -33.92 -50.53
CA ALA B 5 -22.41 -34.32 -49.38
C ALA B 5 -21.82 -33.89 -48.03
N GLU B 6 -20.53 -33.56 -48.02
CA GLU B 6 -19.89 -33.08 -46.79
C GLU B 6 -20.33 -31.64 -46.48
N LEU B 7 -20.71 -30.90 -47.52
CA LEU B 7 -21.11 -29.51 -47.37
C LEU B 7 -22.62 -29.36 -47.24
N LEU B 8 -23.30 -30.45 -46.94
CA LEU B 8 -24.75 -30.41 -46.76
C LEU B 8 -25.15 -30.95 -45.39
N VAL B 9 -25.86 -30.11 -44.63
CA VAL B 9 -26.22 -30.43 -43.27
C VAL B 9 -27.65 -29.98 -43.02
N THR B 10 -28.42 -30.79 -42.30
CA THR B 10 -29.76 -30.35 -41.93
C THR B 10 -29.82 -30.05 -40.43
N VAL B 11 -30.30 -28.86 -40.11
CA VAL B 11 -30.49 -28.46 -38.73
C VAL B 11 -31.99 -28.24 -38.52
N ARG B 12 -32.41 -27.98 -37.29
CA ARG B 12 -33.84 -27.93 -37.00
C ARG B 12 -34.58 -26.92 -37.86
N GLY B 13 -33.86 -25.90 -38.33
CA GLY B 13 -34.48 -24.83 -39.09
C GLY B 13 -34.66 -25.19 -40.56
N GLY B 14 -33.83 -26.13 -41.02
CA GLY B 14 -33.86 -26.53 -42.40
C GLY B 14 -32.48 -26.86 -42.90
N ARG B 15 -32.29 -26.79 -44.21
CA ARG B 15 -31.08 -27.27 -44.85
C ARG B 15 -30.04 -26.18 -45.09
N LEU B 16 -28.78 -26.56 -44.98
CA LEU B 16 -27.65 -25.66 -45.16
C LEU B 16 -26.63 -26.20 -46.17
N ARG B 17 -26.02 -25.28 -46.90
CA ARG B 17 -24.92 -25.61 -47.78
C ARG B 17 -23.70 -24.81 -47.34
N GLY B 18 -22.59 -25.50 -47.11
CA GLY B 18 -21.38 -24.84 -46.68
C GLY B 18 -20.32 -24.81 -47.76
N ILE B 19 -19.11 -24.43 -47.35
CA ILE B 19 -18.02 -24.25 -48.27
C ILE B 19 -16.82 -25.04 -47.74
N ARG B 20 -16.02 -25.59 -48.63
CA ARG B 20 -14.82 -26.33 -48.25
C ARG B 20 -13.60 -25.41 -48.26
N LEU B 21 -12.97 -25.27 -47.10
CA LEU B 21 -11.86 -24.35 -46.91
C LEU B 21 -10.49 -25.01 -47.00
N LYS B 22 -9.59 -24.39 -47.74
CA LYS B 22 -8.20 -24.83 -47.76
C LYS B 22 -7.44 -24.28 -46.55
N THR B 23 -6.79 -25.15 -45.79
CA THR B 23 -5.83 -24.70 -44.78
C THR B 23 -4.47 -25.28 -45.10
N PRO B 24 -3.40 -24.63 -44.66
CA PRO B 24 -2.04 -25.13 -44.85
C PRO B 24 -1.89 -26.61 -44.53
N GLY B 25 -2.49 -27.05 -43.43
CA GLY B 25 -2.37 -28.43 -43.01
C GLY B 25 -3.43 -29.38 -43.55
N GLY B 26 -4.40 -28.86 -44.30
CA GLY B 26 -5.46 -29.71 -44.84
C GLY B 26 -6.78 -29.01 -45.13
N PRO B 27 -7.81 -29.77 -45.54
CA PRO B 27 -9.14 -29.19 -45.79
C PRO B 27 -10.06 -29.18 -44.56
N VAL B 28 -10.95 -28.19 -44.53
CA VAL B 28 -11.90 -27.99 -43.44
C VAL B 28 -13.27 -27.62 -43.99
N SER B 29 -14.33 -28.17 -43.42
CA SER B 29 -15.68 -27.76 -43.79
C SER B 29 -16.10 -26.54 -42.98
N ALA B 30 -16.64 -25.53 -43.65
CA ALA B 30 -17.10 -24.31 -42.97
C ALA B 30 -18.52 -23.93 -43.38
N PHE B 31 -19.33 -23.58 -42.39
CA PHE B 31 -20.65 -23.06 -42.60
C PHE B 31 -20.69 -21.67 -41.98
N LEU B 32 -20.51 -20.65 -42.82
CA LEU B 32 -20.45 -19.28 -42.36
C LEU B 32 -21.76 -18.54 -42.62
N GLY B 33 -22.22 -17.74 -41.66
CA GLY B 33 -23.43 -16.97 -41.86
C GLY B 33 -24.75 -17.72 -41.69
N ILE B 34 -24.79 -18.66 -40.75
CA ILE B 34 -26.04 -19.34 -40.42
C ILE B 34 -26.94 -18.44 -39.57
N PRO B 35 -28.17 -18.18 -40.04
CA PRO B 35 -29.08 -17.33 -39.25
C PRO B 35 -29.57 -18.06 -38.01
N PHE B 36 -29.38 -17.49 -36.82
CA PHE B 36 -29.85 -18.21 -35.63
C PHE B 36 -30.97 -17.44 -34.96
N ALA B 37 -31.26 -16.26 -35.47
CA ALA B 37 -32.34 -15.46 -34.94
C ALA B 37 -33.03 -14.66 -36.06
N GLU B 38 -34.27 -14.27 -35.83
CA GLU B 38 -34.92 -13.33 -36.73
C GLU B 38 -34.21 -12.00 -36.61
N PRO B 39 -34.08 -11.27 -37.73
CA PRO B 39 -33.36 -9.99 -37.73
C PRO B 39 -33.94 -8.98 -36.74
N PRO B 40 -33.12 -8.48 -35.82
CA PRO B 40 -33.57 -7.49 -34.83
C PRO B 40 -33.75 -6.11 -35.44
N MET B 41 -34.57 -6.03 -36.48
CA MET B 41 -34.78 -4.80 -37.24
C MET B 41 -36.08 -4.14 -36.82
N GLY B 42 -36.23 -2.86 -37.19
CA GLY B 42 -37.49 -2.13 -37.02
C GLY B 42 -38.11 -2.26 -35.65
N PRO B 43 -39.30 -2.88 -35.57
CA PRO B 43 -39.98 -3.09 -34.29
C PRO B 43 -39.20 -4.00 -33.33
N ARG B 44 -38.28 -4.80 -33.85
CA ARG B 44 -37.54 -5.76 -33.02
C ARG B 44 -36.21 -5.21 -32.49
N ARG B 45 -35.90 -3.95 -32.81
CA ARG B 45 -34.76 -3.27 -32.23
C ARG B 45 -34.96 -3.17 -30.71
N PHE B 46 -33.89 -3.45 -29.95
CA PHE B 46 -33.88 -3.46 -28.47
C PHE B 46 -34.59 -4.68 -27.86
N LEU B 47 -35.27 -5.49 -28.65
CA LEU B 47 -35.97 -6.65 -28.08
C LEU B 47 -35.05 -7.85 -27.96
N PRO B 48 -35.42 -8.82 -27.12
CA PRO B 48 -34.72 -10.11 -27.12
C PRO B 48 -34.71 -10.75 -28.50
N PRO B 49 -33.75 -11.63 -28.76
CA PRO B 49 -33.81 -12.32 -30.06
C PRO B 49 -34.95 -13.33 -30.13
N GLU B 50 -35.73 -13.29 -31.21
CA GLU B 50 -36.68 -14.35 -31.50
C GLU B 50 -35.93 -15.43 -32.29
N PRO B 51 -36.17 -16.70 -31.97
CA PRO B 51 -35.45 -17.76 -32.71
C PRO B 51 -35.74 -17.70 -34.20
N LYS B 52 -34.77 -18.14 -35.01
CA LYS B 52 -34.93 -18.16 -36.47
C LYS B 52 -36.05 -19.12 -36.89
N GLN B 53 -37.05 -18.61 -37.61
CA GLN B 53 -38.16 -19.44 -38.07
C GLN B 53 -37.67 -20.39 -39.17
N PRO B 54 -38.24 -21.61 -39.21
CA PRO B 54 -37.80 -22.61 -40.20
C PRO B 54 -37.98 -22.15 -41.65
N TRP B 55 -37.12 -22.65 -42.53
CA TRP B 55 -37.12 -22.26 -43.92
C TRP B 55 -37.19 -23.50 -44.83
N SER B 56 -37.78 -23.34 -46.00
CA SER B 56 -37.71 -24.39 -47.00
C SER B 56 -36.56 -24.10 -47.96
N GLY B 57 -36.07 -25.14 -48.62
CA GLY B 57 -34.98 -24.95 -49.54
C GLY B 57 -33.65 -24.94 -48.81
N VAL B 58 -32.61 -24.52 -49.50
CA VAL B 58 -31.28 -24.57 -48.91
C VAL B 58 -30.71 -23.17 -48.68
N VAL B 59 -30.38 -22.85 -47.43
CA VAL B 59 -29.64 -21.63 -47.14
C VAL B 59 -28.15 -21.83 -47.40
N ASP B 60 -27.56 -20.94 -48.19
CA ASP B 60 -26.13 -20.98 -48.44
C ASP B 60 -25.37 -20.30 -47.29
N ALA B 61 -24.67 -21.12 -46.50
CA ALA B 61 -23.84 -20.60 -45.43
C ALA B 61 -22.40 -20.57 -45.89
N THR B 62 -22.08 -19.64 -46.77
CA THR B 62 -20.84 -19.74 -47.52
C THR B 62 -19.92 -18.53 -47.35
N THR B 63 -20.37 -17.54 -46.59
CA THR B 63 -19.54 -16.39 -46.30
C THR B 63 -19.99 -15.77 -44.99
N PHE B 64 -19.11 -14.99 -44.36
CA PHE B 64 -19.48 -14.24 -43.17
C PHE B 64 -20.61 -13.28 -43.47
N GLN B 65 -21.58 -13.19 -42.56
CA GLN B 65 -22.64 -12.21 -42.69
C GLN B 65 -22.22 -10.86 -42.11
N SER B 66 -23.16 -9.91 -42.09
CA SER B 66 -22.81 -8.53 -41.71
C SER B 66 -22.39 -8.38 -40.25
N VAL B 67 -21.61 -7.33 -40.00
CA VAL B 67 -21.21 -6.91 -38.65
C VAL B 67 -22.33 -6.10 -37.98
N CYS B 68 -22.60 -6.35 -36.69
CA CYS B 68 -23.62 -5.57 -35.97
C CYS B 68 -23.21 -4.11 -35.87
N TYR B 69 -24.18 -3.19 -35.96
CA TYR B 69 -23.87 -1.76 -35.99
C TYR B 69 -23.01 -1.31 -34.82
N GLN B 70 -21.96 -0.56 -35.13
CA GLN B 70 -21.04 -0.15 -34.09
C GLN B 70 -20.20 1.04 -34.49
N TYR B 71 -19.64 1.72 -33.50
CA TYR B 71 -18.67 2.79 -33.74
C TYR B 71 -17.43 2.21 -34.42
N VAL B 72 -16.86 2.98 -35.34
CA VAL B 72 -15.65 2.54 -36.02
C VAL B 72 -14.47 3.40 -35.61
N ASP B 73 -13.49 2.76 -34.98
CA ASP B 73 -12.29 3.43 -34.46
C ASP B 73 -11.50 4.16 -35.56
N THR B 74 -11.25 5.45 -35.35
CA THR B 74 -10.55 6.26 -36.35
C THR B 74 -9.34 6.95 -35.75
N LEU B 75 -8.84 6.40 -34.64
CA LEU B 75 -7.71 6.99 -33.93
C LEU B 75 -6.44 7.00 -34.77
N TYR B 76 -6.16 5.88 -35.42
CA TYR B 76 -5.01 5.78 -36.31
C TYR B 76 -5.39 5.15 -37.64
N PRO B 77 -5.98 5.94 -38.56
CA PRO B 77 -6.42 5.45 -39.88
C PRO B 77 -5.31 4.79 -40.70
N GLY B 78 -5.61 3.61 -41.26
CA GLY B 78 -4.65 2.87 -42.08
C GLY B 78 -3.64 2.06 -41.28
N PHE B 79 -3.61 2.26 -39.97
CA PHE B 79 -2.69 1.56 -39.10
C PHE B 79 -3.22 0.14 -38.82
N GLU B 80 -2.40 -0.86 -39.08
CA GLU B 80 -2.86 -2.24 -38.99
C GLU B 80 -3.24 -2.63 -37.56
N GLY B 81 -2.58 -2.03 -36.59
CA GLY B 81 -2.84 -2.33 -35.20
C GLY B 81 -4.26 -1.99 -34.76
N THR B 82 -4.89 -1.03 -35.43
CA THR B 82 -6.26 -0.69 -35.10
C THR B 82 -7.24 -1.25 -36.11
N GLU B 83 -6.88 -1.22 -37.38
CA GLU B 83 -7.77 -1.69 -38.44
C GLU B 83 -8.12 -3.18 -38.29
N MET B 84 -7.21 -3.95 -37.72
CA MET B 84 -7.43 -5.39 -37.57
C MET B 84 -8.61 -5.72 -36.66
N TRP B 85 -9.08 -4.74 -35.89
CA TRP B 85 -10.20 -4.93 -34.97
C TRP B 85 -11.49 -4.34 -35.51
N ASN B 86 -11.37 -3.46 -36.50
CA ASN B 86 -12.50 -2.77 -37.10
C ASN B 86 -13.36 -3.72 -37.95
N PRO B 87 -14.63 -3.34 -38.19
CA PRO B 87 -15.52 -4.25 -38.94
C PRO B 87 -15.04 -4.51 -40.36
N ASN B 88 -15.14 -5.76 -40.82
CA ASN B 88 -14.68 -6.13 -42.15
C ASN B 88 -15.79 -6.73 -43.01
N ARG B 89 -17.03 -6.39 -42.67
CA ARG B 89 -18.20 -6.60 -43.53
C ARG B 89 -19.03 -5.34 -43.36
N GLU B 90 -20.06 -5.15 -44.18
CA GLU B 90 -20.86 -3.96 -43.99
C GLU B 90 -21.63 -4.00 -42.65
N LEU B 91 -21.86 -2.83 -42.08
CA LEU B 91 -22.68 -2.75 -40.88
C LEU B 91 -24.15 -2.90 -41.23
N SER B 92 -24.85 -3.60 -40.36
CA SER B 92 -26.27 -3.81 -40.50
C SER B 92 -26.86 -4.21 -39.16
N GLU B 93 -28.11 -3.87 -38.91
CA GLU B 93 -28.81 -4.40 -37.76
C GLU B 93 -29.18 -5.86 -38.00
N ASP B 94 -29.19 -6.27 -39.27
CA ASP B 94 -29.43 -7.66 -39.65
C ASP B 94 -28.11 -8.44 -39.58
N CYS B 95 -27.77 -8.91 -38.37
CA CYS B 95 -26.42 -9.42 -38.05
C CYS B 95 -26.37 -10.64 -37.15
N LEU B 96 -27.53 -11.19 -36.78
CA LEU B 96 -27.53 -12.32 -35.87
C LEU B 96 -27.31 -13.63 -36.62
N TYR B 97 -26.06 -13.86 -37.01
CA TYR B 97 -25.64 -15.10 -37.67
C TYR B 97 -24.48 -15.73 -36.92
N LEU B 98 -24.36 -17.06 -37.01
CA LEU B 98 -23.21 -17.74 -36.41
C LEU B 98 -22.45 -18.58 -37.42
N ASN B 99 -21.28 -19.06 -37.02
CA ASN B 99 -20.41 -19.82 -37.91
C ASN B 99 -20.01 -21.14 -37.31
N VAL B 100 -19.92 -22.16 -38.14
CA VAL B 100 -19.45 -23.47 -37.70
C VAL B 100 -18.29 -23.93 -38.56
N TRP B 101 -17.18 -24.33 -37.93
CA TRP B 101 -16.09 -25.02 -38.63
C TRP B 101 -16.01 -26.45 -38.12
N THR B 102 -15.75 -27.38 -39.02
CA THR B 102 -15.73 -28.79 -38.64
C THR B 102 -14.73 -29.51 -39.54
N PRO B 103 -14.10 -30.58 -39.04
CA PRO B 103 -13.09 -31.27 -39.84
C PRO B 103 -13.63 -31.89 -41.14
N TYR B 104 -12.72 -32.20 -42.05
CA TYR B 104 -13.05 -32.83 -43.33
C TYR B 104 -12.28 -34.15 -43.45
N PRO B 105 -13.00 -35.27 -43.52
CA PRO B 105 -14.46 -35.35 -43.48
C PRO B 105 -15.04 -35.26 -42.07
N ARG B 106 -16.33 -34.92 -42.01
CA ARG B 106 -17.08 -34.80 -40.77
C ARG B 106 -16.79 -35.94 -39.81
N PRO B 107 -16.48 -35.61 -38.56
CA PRO B 107 -16.17 -36.60 -37.50
C PRO B 107 -17.24 -37.67 -37.37
N THR B 108 -16.81 -38.91 -37.11
CA THR B 108 -17.74 -40.02 -37.03
C THR B 108 -18.19 -40.29 -35.59
N SER B 109 -17.30 -40.04 -34.64
CA SER B 109 -17.66 -40.09 -33.23
C SER B 109 -17.68 -38.66 -32.70
N PRO B 110 -18.64 -38.35 -31.79
CA PRO B 110 -18.83 -37.00 -31.22
C PRO B 110 -17.53 -36.32 -30.77
N THR B 111 -17.42 -35.05 -31.16
CA THR B 111 -16.19 -34.28 -31.03
C THR B 111 -16.42 -33.05 -30.14
N PRO B 112 -15.42 -32.68 -29.32
CA PRO B 112 -15.42 -31.46 -28.51
C PRO B 112 -15.73 -30.17 -29.29
N VAL B 113 -16.56 -29.32 -28.70
CA VAL B 113 -16.96 -28.07 -29.32
C VAL B 113 -16.39 -26.86 -28.60
N LEU B 114 -15.61 -26.04 -29.30
CA LEU B 114 -15.20 -24.72 -28.82
C LEU B 114 -16.10 -23.62 -29.36
N VAL B 115 -16.71 -22.85 -28.45
CA VAL B 115 -17.56 -21.74 -28.84
C VAL B 115 -16.90 -20.42 -28.47
N TRP B 116 -16.73 -19.55 -29.45
CA TRP B 116 -15.96 -18.31 -29.27
C TRP B 116 -16.85 -17.10 -29.13
N ILE B 117 -16.58 -16.26 -28.13
CA ILE B 117 -17.28 -14.99 -27.98
C ILE B 117 -16.30 -13.83 -28.07
N TYR B 118 -16.45 -12.99 -29.08
CA TYR B 118 -15.49 -11.91 -29.26
C TYR B 118 -15.65 -10.81 -28.22
N GLY B 119 -14.59 -10.02 -28.05
CA GLY B 119 -14.58 -8.87 -27.16
C GLY B 119 -14.75 -7.60 -27.97
N GLY B 120 -14.43 -6.46 -27.37
CA GLY B 120 -14.67 -5.20 -28.02
C GLY B 120 -15.41 -4.24 -27.12
N GLY B 121 -15.29 -4.44 -25.80
CA GLY B 121 -15.87 -3.57 -24.78
C GLY B 121 -17.40 -3.44 -24.75
N PHE B 122 -18.08 -4.39 -25.38
CA PHE B 122 -19.54 -4.35 -25.60
C PHE B 122 -19.96 -3.19 -26.53
N TYR B 123 -19.00 -2.48 -27.11
CA TYR B 123 -19.35 -1.44 -28.08
C TYR B 123 -18.94 -1.80 -29.51
N SER B 124 -18.23 -2.91 -29.68
CA SER B 124 -17.65 -3.25 -30.97
C SER B 124 -17.33 -4.73 -31.06
N GLY B 125 -16.94 -5.18 -32.25
CA GLY B 125 -16.48 -6.54 -32.44
C GLY B 125 -17.29 -7.25 -33.49
N ALA B 126 -16.75 -8.38 -33.96
CA ALA B 126 -17.43 -9.18 -35.00
C ALA B 126 -16.78 -10.55 -35.05
N SER B 127 -17.56 -11.56 -35.39
CA SER B 127 -17.03 -12.93 -35.42
C SER B 127 -16.28 -13.19 -36.73
N SER B 128 -16.31 -12.20 -37.62
CA SER B 128 -15.77 -12.35 -38.96
C SER B 128 -14.37 -11.76 -39.13
N LEU B 129 -13.84 -11.15 -38.07
CA LEU B 129 -12.48 -10.65 -38.10
C LEU B 129 -11.48 -11.77 -38.45
N ASP B 130 -10.48 -11.45 -39.27
CA ASP B 130 -9.54 -12.44 -39.81
C ASP B 130 -8.87 -13.19 -38.68
N VAL B 131 -8.64 -12.49 -37.58
CA VAL B 131 -7.88 -13.03 -36.47
C VAL B 131 -8.69 -14.03 -35.63
N TYR B 132 -9.98 -14.18 -35.94
CA TYR B 132 -10.85 -15.16 -35.28
C TYR B 132 -11.17 -16.34 -36.19
N ASP B 133 -10.38 -16.50 -37.25
CA ASP B 133 -10.63 -17.56 -38.21
C ASP B 133 -10.49 -18.94 -37.56
N GLY B 134 -11.60 -19.68 -37.51
CA GLY B 134 -11.63 -20.99 -36.88
C GLY B 134 -10.89 -22.12 -37.60
N ARG B 135 -10.46 -21.89 -38.83
CA ARG B 135 -10.01 -23.00 -39.69
C ARG B 135 -8.77 -23.72 -39.16
N PHE B 136 -7.82 -22.97 -38.60
CA PHE B 136 -6.56 -23.57 -38.18
C PHE B 136 -6.74 -24.37 -36.89
N LEU B 137 -7.60 -23.91 -36.01
CA LEU B 137 -7.84 -24.62 -34.78
C LEU B 137 -8.49 -25.96 -35.08
N VAL B 138 -9.43 -25.93 -36.02
CA VAL B 138 -10.20 -27.12 -36.36
C VAL B 138 -9.33 -28.17 -37.08
N GLN B 139 -8.52 -27.71 -38.02
CA GLN B 139 -7.61 -28.58 -38.74
C GLN B 139 -6.62 -29.26 -37.79
N ALA B 140 -5.96 -28.46 -36.98
CA ALA B 140 -4.85 -28.91 -36.13
C ALA B 140 -5.28 -29.76 -34.94
N GLU B 141 -6.49 -29.57 -34.45
CA GLU B 141 -6.84 -30.20 -33.19
C GLU B 141 -8.11 -31.01 -33.28
N ARG B 142 -8.73 -31.00 -34.46
CA ARG B 142 -9.92 -31.82 -34.73
C ARG B 142 -11.00 -31.53 -33.72
N THR B 143 -11.44 -30.30 -33.67
CA THR B 143 -12.57 -29.93 -32.83
C THR B 143 -13.57 -29.25 -33.71
N VAL B 144 -14.79 -29.10 -33.23
CA VAL B 144 -15.73 -28.21 -33.88
C VAL B 144 -15.59 -26.83 -33.25
N LEU B 145 -15.47 -25.81 -34.09
CA LEU B 145 -15.41 -24.45 -33.58
C LEU B 145 -16.65 -23.68 -34.01
N VAL B 146 -17.24 -22.95 -33.07
CA VAL B 146 -18.43 -22.13 -33.34
C VAL B 146 -18.18 -20.71 -32.86
N SER B 147 -18.55 -19.72 -33.67
CA SER B 147 -18.57 -18.34 -33.21
C SER B 147 -19.87 -17.69 -33.63
N MET B 148 -20.37 -16.77 -32.81
CA MET B 148 -21.59 -16.03 -33.15
C MET B 148 -21.37 -14.52 -33.16
N ASN B 149 -22.22 -13.80 -33.88
CA ASN B 149 -22.31 -12.36 -33.68
C ASN B 149 -23.33 -12.09 -32.58
N TYR B 150 -23.18 -10.96 -31.88
CA TYR B 150 -24.16 -10.53 -30.90
C TYR B 150 -24.20 -9.02 -30.93
N ARG B 151 -25.35 -8.44 -30.63
CA ARG B 151 -25.51 -7.00 -30.74
C ARG B 151 -24.66 -6.27 -29.70
N VAL B 152 -24.16 -5.10 -30.04
CA VAL B 152 -23.29 -4.36 -29.14
C VAL B 152 -23.77 -2.92 -29.01
N GLY B 153 -23.09 -2.14 -28.17
CA GLY B 153 -23.46 -0.75 -27.93
C GLY B 153 -24.93 -0.62 -27.57
N ALA B 154 -25.57 0.45 -28.05
CA ALA B 154 -26.96 0.70 -27.72
C ALA B 154 -27.88 -0.44 -28.14
N PHE B 155 -27.60 -1.04 -29.28
CA PHE B 155 -28.45 -2.08 -29.82
C PHE B 155 -28.46 -3.35 -28.98
N GLY B 156 -27.37 -3.61 -28.26
CA GLY B 156 -27.28 -4.79 -27.44
C GLY B 156 -27.59 -4.53 -25.97
N PHE B 157 -27.38 -3.30 -25.53
CA PHE B 157 -27.28 -3.09 -24.09
C PHE B 157 -27.91 -1.82 -23.58
N LEU B 158 -28.57 -1.06 -24.45
CA LEU B 158 -29.42 -0.01 -23.94
C LEU B 158 -30.50 -0.68 -23.08
N ALA B 159 -30.67 -0.20 -21.87
CA ALA B 159 -31.68 -0.78 -20.99
C ALA B 159 -32.56 0.31 -20.39
N LEU B 160 -33.86 0.06 -20.43
CA LEU B 160 -34.82 0.80 -19.62
C LEU B 160 -35.46 -0.25 -18.74
N PRO B 161 -34.78 -0.61 -17.63
CA PRO B 161 -35.11 -1.79 -16.81
C PRO B 161 -36.56 -1.78 -16.37
N GLY B 162 -37.20 -2.95 -16.40
CA GLY B 162 -38.60 -3.07 -16.07
C GLY B 162 -39.52 -3.00 -17.27
N SER B 163 -39.15 -2.22 -18.28
CA SER B 163 -39.93 -2.15 -19.51
C SER B 163 -39.79 -3.41 -20.36
N ARG B 164 -40.79 -3.69 -21.19
CA ARG B 164 -40.72 -4.85 -22.06
C ARG B 164 -40.15 -4.47 -23.42
N GLU B 165 -40.14 -3.17 -23.71
CA GLU B 165 -39.74 -2.67 -25.01
C GLU B 165 -38.23 -2.47 -25.12
N ALA B 166 -37.55 -2.45 -23.99
CA ALA B 166 -36.10 -2.34 -23.95
C ALA B 166 -35.54 -2.92 -22.66
N PRO B 167 -35.70 -4.24 -22.46
CA PRO B 167 -35.39 -4.90 -21.18
C PRO B 167 -33.91 -4.85 -20.77
N GLY B 168 -33.02 -4.83 -21.74
CA GLY B 168 -31.60 -4.80 -21.44
C GLY B 168 -30.97 -6.16 -21.60
N ASN B 169 -29.65 -6.15 -21.75
CA ASN B 169 -28.85 -7.36 -21.91
C ASN B 169 -29.26 -8.19 -23.14
N VAL B 170 -29.76 -7.54 -24.19
CA VAL B 170 -30.24 -8.37 -25.30
C VAL B 170 -29.04 -8.99 -26.03
N GLY B 171 -27.93 -8.27 -26.07
CA GLY B 171 -26.67 -8.81 -26.56
C GLY B 171 -26.26 -10.14 -25.91
N LEU B 172 -26.40 -10.22 -24.58
CA LEU B 172 -26.10 -11.47 -23.87
C LEU B 172 -27.10 -12.55 -24.24
N LEU B 173 -28.35 -12.12 -24.48
CA LEU B 173 -29.40 -13.06 -24.89
C LEU B 173 -29.16 -13.56 -26.32
N ASP B 174 -28.60 -12.70 -27.17
CA ASP B 174 -28.14 -13.15 -28.48
C ASP B 174 -27.17 -14.33 -28.30
N GLN B 175 -26.20 -14.16 -27.40
CA GLN B 175 -25.20 -15.21 -27.15
C GLN B 175 -25.86 -16.46 -26.62
N ARG B 176 -26.82 -16.30 -25.72
CA ARG B 176 -27.49 -17.44 -25.13
C ARG B 176 -28.25 -18.22 -26.20
N LEU B 177 -28.89 -17.48 -27.10
CA LEU B 177 -29.64 -18.10 -28.17
C LEU B 177 -28.68 -18.90 -29.04
N ALA B 178 -27.54 -18.31 -29.37
CA ALA B 178 -26.54 -19.03 -30.15
C ALA B 178 -26.12 -20.31 -29.41
N LEU B 179 -25.94 -20.21 -28.10
CA LEU B 179 -25.59 -21.37 -27.28
C LEU B 179 -26.67 -22.46 -27.31
N GLN B 180 -27.95 -22.06 -27.22
CA GLN B 180 -29.06 -23.00 -27.40
C GLN B 180 -29.04 -23.65 -28.79
N TRP B 181 -28.78 -22.86 -29.83
CA TRP B 181 -28.65 -23.39 -31.18
C TRP B 181 -27.65 -24.53 -31.23
N VAL B 182 -26.52 -24.35 -30.55
CA VAL B 182 -25.44 -25.35 -30.54
C VAL B 182 -25.89 -26.66 -29.89
N GLN B 183 -26.61 -26.56 -28.78
CA GLN B 183 -27.17 -27.74 -28.11
C GLN B 183 -28.15 -28.52 -29.00
N GLU B 184 -28.94 -27.80 -29.80
CA GLU B 184 -29.90 -28.44 -30.67
C GLU B 184 -29.27 -29.00 -31.96
N ASN B 185 -28.27 -28.31 -32.49
CA ASN B 185 -27.81 -28.59 -33.86
C ASN B 185 -26.34 -28.98 -34.05
N VAL B 186 -25.50 -28.85 -33.03
CA VAL B 186 -24.06 -29.06 -33.27
C VAL B 186 -23.78 -30.54 -33.55
N ALA B 187 -24.68 -31.42 -33.12
CA ALA B 187 -24.53 -32.86 -33.36
C ALA B 187 -24.55 -33.17 -34.85
N ALA B 188 -25.28 -32.35 -35.60
CA ALA B 188 -25.39 -32.52 -37.06
C ALA B 188 -24.06 -32.25 -37.77
N PHE B 189 -23.15 -31.58 -37.09
CA PHE B 189 -21.82 -31.32 -37.65
C PHE B 189 -20.76 -32.24 -37.03
N GLY B 190 -21.20 -33.17 -36.19
CA GLY B 190 -20.29 -34.12 -35.57
C GLY B 190 -19.74 -33.65 -34.24
N GLY B 191 -20.35 -32.60 -33.70
CA GLY B 191 -19.92 -32.06 -32.42
C GLY B 191 -20.71 -32.66 -31.28
N ASP B 192 -20.08 -32.71 -30.10
CA ASP B 192 -20.73 -33.27 -28.92
C ASP B 192 -21.33 -32.18 -28.04
N PRO B 193 -22.66 -32.06 -28.02
CA PRO B 193 -23.30 -31.03 -27.22
C PRO B 193 -23.07 -31.17 -25.71
N THR B 194 -22.47 -32.27 -25.26
CA THR B 194 -22.21 -32.44 -23.82
C THR B 194 -20.78 -32.07 -23.46
N SER B 195 -20.00 -31.71 -24.47
CA SER B 195 -18.64 -31.23 -24.31
C SER B 195 -18.45 -29.87 -24.98
N VAL B 196 -19.18 -28.87 -24.51
CA VAL B 196 -19.00 -27.52 -25.04
C VAL B 196 -18.20 -26.61 -24.09
N THR B 197 -17.12 -26.05 -24.64
CA THR B 197 -16.25 -25.10 -23.94
C THR B 197 -16.41 -23.69 -24.49
N LEU B 198 -16.96 -22.78 -23.68
CA LEU B 198 -16.98 -21.38 -24.04
C LEU B 198 -15.59 -20.77 -23.93
N PHE B 199 -15.21 -19.92 -24.87
CA PHE B 199 -14.04 -19.10 -24.62
C PHE B 199 -14.16 -17.78 -25.31
N GLY B 200 -13.57 -16.77 -24.68
CA GLY B 200 -13.64 -15.40 -25.16
C GLY B 200 -12.54 -14.54 -24.57
N GLU B 201 -12.46 -13.31 -25.06
CA GLU B 201 -11.40 -12.43 -24.65
C GLU B 201 -12.01 -11.06 -24.30
N SER B 202 -11.50 -10.43 -23.25
CA SER B 202 -11.97 -9.10 -22.81
C SER B 202 -13.48 -9.09 -22.48
N ALA B 203 -14.26 -8.25 -23.18
CA ALA B 203 -15.71 -8.29 -23.02
C ALA B 203 -16.25 -9.68 -23.34
N GLY B 204 -15.54 -10.43 -24.18
CA GLY B 204 -15.91 -11.80 -24.49
C GLY B 204 -15.70 -12.66 -23.28
N ALA B 205 -14.61 -12.40 -22.56
CA ALA B 205 -14.31 -13.15 -21.34
C ALA B 205 -15.32 -12.80 -20.25
N ALA B 206 -15.63 -11.52 -20.11
CA ALA B 206 -16.70 -11.08 -19.20
C ALA B 206 -18.03 -11.75 -19.53
N SER B 207 -18.31 -11.90 -20.82
CA SER B 207 -19.54 -12.52 -21.27
C SER B 207 -19.56 -13.99 -20.87
N VAL B 208 -18.44 -14.67 -21.09
CA VAL B 208 -18.33 -16.05 -20.68
C VAL B 208 -18.63 -16.19 -19.20
N GLY B 209 -18.06 -15.29 -18.41
CA GLY B 209 -18.22 -15.31 -16.97
C GLY B 209 -19.66 -15.11 -16.55
N MET B 210 -20.35 -14.18 -17.20
CA MET B 210 -21.76 -13.99 -16.90
C MET B 210 -22.65 -15.20 -17.27
N HIS B 211 -22.25 -15.99 -18.26
CA HIS B 211 -22.99 -17.21 -18.54
C HIS B 211 -22.77 -18.22 -17.41
N LEU B 212 -21.59 -18.18 -16.78
CA LEU B 212 -21.31 -19.05 -15.64
C LEU B 212 -22.24 -18.74 -14.47
N LEU B 213 -22.53 -17.46 -14.30
CA LEU B 213 -23.27 -16.98 -13.14
C LEU B 213 -24.76 -16.85 -13.42
N SER B 214 -25.19 -17.30 -14.59
CA SER B 214 -26.60 -17.24 -14.94
C SER B 214 -27.12 -18.63 -15.26
N PRO B 215 -27.91 -19.21 -14.34
CA PRO B 215 -28.36 -20.60 -14.44
C PRO B 215 -28.98 -21.00 -15.80
N PRO B 216 -29.84 -20.16 -16.41
CA PRO B 216 -30.36 -20.61 -17.71
C PRO B 216 -29.24 -20.85 -18.73
N SER B 217 -28.17 -20.06 -18.69
CA SER B 217 -27.04 -20.25 -19.61
C SER B 217 -26.15 -21.42 -19.18
N ARG B 218 -26.06 -21.65 -17.88
CA ARG B 218 -25.11 -22.61 -17.31
C ARG B 218 -25.37 -24.03 -17.80
N GLY B 219 -26.62 -24.31 -18.22
CA GLY B 219 -26.96 -25.60 -18.79
C GLY B 219 -26.41 -25.85 -20.18
N LEU B 220 -26.01 -24.78 -20.87
CA LEU B 220 -25.71 -24.83 -22.30
C LEU B 220 -24.24 -25.08 -22.63
N PHE B 221 -23.41 -25.21 -21.59
CA PHE B 221 -22.01 -25.51 -21.80
C PHE B 221 -21.40 -26.22 -20.59
N HIS B 222 -20.13 -26.63 -20.70
CA HIS B 222 -19.52 -27.46 -19.67
C HIS B 222 -18.23 -26.88 -19.07
N ARG B 223 -17.40 -26.27 -19.91
CA ARG B 223 -16.14 -25.69 -19.47
C ARG B 223 -16.02 -24.25 -19.97
N ALA B 224 -15.07 -23.52 -19.39
CA ALA B 224 -14.92 -22.09 -19.71
C ALA B 224 -13.46 -21.64 -19.79
N VAL B 225 -13.18 -20.72 -20.71
CA VAL B 225 -11.86 -20.10 -20.84
C VAL B 225 -12.06 -18.59 -20.84
N LEU B 226 -11.40 -17.91 -19.92
CA LEU B 226 -11.52 -16.46 -19.82
C LEU B 226 -10.18 -15.78 -20.04
N GLN B 227 -10.01 -15.22 -21.23
CA GLN B 227 -8.76 -14.51 -21.57
C GLN B 227 -8.86 -12.99 -21.36
N SER B 228 -8.08 -12.47 -20.42
CA SER B 228 -7.93 -11.02 -20.21
C SER B 228 -9.24 -10.28 -19.95
N GLY B 229 -10.10 -10.84 -19.11
CA GLY B 229 -11.39 -10.25 -18.85
C GLY B 229 -12.14 -11.11 -17.84
N ALA B 230 -13.11 -10.49 -17.15
CA ALA B 230 -13.87 -11.14 -16.10
C ALA B 230 -15.15 -10.36 -15.88
N PRO B 231 -16.22 -11.02 -15.45
CA PRO B 231 -17.49 -10.32 -15.23
C PRO B 231 -17.48 -9.32 -14.08
N ASN B 232 -16.54 -9.46 -13.13
CA ASN B 232 -16.44 -8.54 -12.01
C ASN B 232 -15.60 -7.28 -12.29
N GLY B 233 -15.11 -7.14 -13.51
CA GLY B 233 -14.38 -5.94 -13.89
C GLY B 233 -15.25 -4.70 -13.73
N PRO B 234 -14.64 -3.58 -13.33
CA PRO B 234 -15.33 -2.29 -13.09
C PRO B 234 -16.05 -1.72 -14.32
N TRP B 235 -15.76 -2.26 -15.49
CA TRP B 235 -16.33 -1.78 -16.75
C TRP B 235 -17.43 -2.67 -17.32
N ALA B 236 -17.52 -3.89 -16.81
CA ALA B 236 -18.33 -4.91 -17.45
C ALA B 236 -19.81 -4.88 -17.09
N THR B 237 -20.18 -4.14 -16.06
CA THR B 237 -21.59 -4.04 -15.66
C THR B 237 -22.00 -2.65 -15.22
N VAL B 238 -23.30 -2.49 -15.03
CA VAL B 238 -23.87 -1.21 -14.62
C VAL B 238 -25.15 -1.50 -13.83
N GLY B 239 -25.47 -0.60 -12.90
CA GLY B 239 -26.68 -0.73 -12.10
C GLY B 239 -27.91 -0.28 -12.86
N MET B 240 -29.07 -0.72 -12.39
CA MET B 240 -30.35 -0.41 -13.03
C MET B 240 -30.58 1.09 -13.22
N GLY B 241 -30.43 1.86 -12.15
CA GLY B 241 -30.68 3.28 -12.20
C GLY B 241 -29.73 3.98 -13.15
N GLU B 242 -28.47 3.56 -13.13
CA GLU B 242 -27.49 4.21 -13.97
C GLU B 242 -27.71 3.85 -15.45
N ALA B 243 -28.12 2.61 -15.70
CA ALA B 243 -28.51 2.19 -17.05
C ALA B 243 -29.61 3.11 -17.58
N ARG B 244 -30.63 3.33 -16.75
CA ARG B 244 -31.77 4.13 -17.19
C ARG B 244 -31.34 5.57 -17.47
N ARG B 245 -30.48 6.11 -16.63
CA ARG B 245 -30.00 7.47 -16.82
C ARG B 245 -29.30 7.58 -18.18
N ARG B 246 -28.47 6.59 -18.48
CA ARG B 246 -27.71 6.57 -19.72
C ARG B 246 -28.62 6.41 -20.94
N ALA B 247 -29.55 5.45 -20.88
CA ALA B 247 -30.54 5.25 -21.93
C ALA B 247 -31.33 6.53 -22.19
N THR B 248 -31.76 7.17 -21.11
CA THR B 248 -32.57 8.38 -21.21
C THR B 248 -31.76 9.53 -21.84
N GLN B 249 -30.50 9.64 -21.45
CA GLN B 249 -29.65 10.70 -22.00
C GLN B 249 -29.40 10.51 -23.50
N LEU B 250 -29.20 9.26 -23.93
CA LEU B 250 -29.00 8.98 -25.35
C LEU B 250 -30.25 9.38 -26.11
N ALA B 251 -31.39 8.98 -25.58
CA ALA B 251 -32.68 9.33 -26.14
C ALA B 251 -32.79 10.85 -26.28
N HIS B 252 -32.44 11.56 -25.21
CA HIS B 252 -32.48 13.01 -25.23
C HIS B 252 -31.58 13.57 -26.35
N LEU B 253 -30.38 13.02 -26.49
CA LEU B 253 -29.41 13.55 -27.45
C LEU B 253 -29.84 13.38 -28.90
N VAL B 254 -30.86 12.58 -29.15
CA VAL B 254 -31.36 12.36 -30.52
C VAL B 254 -32.80 12.84 -30.66
N GLY B 255 -33.26 13.63 -29.68
CA GLY B 255 -34.57 14.25 -29.73
C GLY B 255 -35.73 13.36 -29.33
N CYS B 256 -35.49 12.43 -28.41
CA CYS B 256 -36.50 11.49 -27.97
C CYS B 256 -36.78 11.57 -26.48
N PRO B 257 -38.02 11.93 -26.10
CA PRO B 257 -39.11 12.34 -26.98
C PRO B 257 -39.03 13.84 -27.24
N PRO B 258 -39.85 14.37 -28.17
CA PRO B 258 -39.77 15.82 -28.43
C PRO B 258 -40.84 16.60 -27.65
N THR B 261 -37.83 14.65 -21.67
CA THR B 261 -36.96 13.62 -21.10
C THR B 261 -37.76 12.49 -20.46
N GLY B 262 -37.40 11.24 -20.77
CA GLY B 262 -38.09 10.10 -20.21
C GLY B 262 -39.54 9.96 -20.64
N GLY B 263 -40.43 9.88 -19.65
CA GLY B 263 -41.85 9.68 -19.88
C GLY B 263 -42.18 8.19 -19.99
N ASN B 264 -43.28 7.89 -20.68
CA ASN B 264 -43.68 6.52 -21.00
C ASN B 264 -42.52 5.80 -21.69
N ASP B 265 -42.16 4.62 -21.20
CA ASP B 265 -41.06 3.85 -21.81
C ASP B 265 -41.41 3.43 -23.23
N THR B 266 -42.64 2.95 -23.40
CA THR B 266 -43.10 2.50 -24.71
C THR B 266 -42.97 3.57 -25.77
N GLU B 267 -43.38 4.79 -25.44
CA GLU B 267 -43.30 5.89 -26.38
C GLU B 267 -41.86 6.31 -26.64
N LEU B 268 -41.04 6.27 -25.59
CA LEU B 268 -39.63 6.64 -25.71
C LEU B 268 -38.89 5.68 -26.62
N VAL B 269 -39.03 4.39 -26.36
CA VAL B 269 -38.37 3.39 -27.18
C VAL B 269 -38.89 3.46 -28.61
N ALA B 270 -40.19 3.62 -28.77
CA ALA B 270 -40.81 3.72 -30.09
C ALA B 270 -40.20 4.87 -30.88
N CYS B 271 -39.96 5.98 -30.20
CA CYS B 271 -39.30 7.10 -30.85
C CYS B 271 -37.86 6.72 -31.23
N LEU B 272 -37.17 6.02 -30.34
CA LEU B 272 -35.80 5.57 -30.59
C LEU B 272 -35.72 4.65 -31.80
N ARG B 273 -36.75 3.84 -32.00
CA ARG B 273 -36.76 2.87 -33.09
C ARG B 273 -36.85 3.55 -34.46
N THR B 274 -37.23 4.82 -34.48
CA THR B 274 -37.39 5.51 -35.75
C THR B 274 -36.10 6.21 -36.16
N ARG B 275 -35.14 6.27 -35.24
CA ARG B 275 -33.85 6.89 -35.56
C ARG B 275 -32.99 5.92 -36.37
N PRO B 276 -32.33 6.43 -37.42
CA PRO B 276 -31.44 5.60 -38.22
C PRO B 276 -30.31 5.03 -37.37
N ALA B 277 -29.98 3.76 -37.55
CA ALA B 277 -28.99 3.10 -36.71
C ALA B 277 -27.72 3.94 -36.53
N GLN B 278 -27.25 4.55 -37.61
CA GLN B 278 -26.03 5.36 -37.57
C GLN B 278 -26.14 6.54 -36.61
N VAL B 279 -27.34 7.11 -36.49
CA VAL B 279 -27.55 8.25 -35.63
C VAL B 279 -27.29 7.84 -34.18
N LEU B 280 -27.85 6.72 -33.77
CA LEU B 280 -27.60 6.19 -32.42
C LEU B 280 -26.10 6.01 -32.16
N VAL B 281 -25.39 5.45 -33.14
CA VAL B 281 -23.96 5.17 -32.97
C VAL B 281 -23.16 6.46 -32.78
N ASN B 282 -23.57 7.52 -33.47
CA ASN B 282 -22.82 8.77 -33.45
C ASN B 282 -22.99 9.50 -32.12
N HIS B 283 -24.08 9.21 -31.42
CA HIS B 283 -24.33 9.89 -30.15
C HIS B 283 -23.96 9.05 -28.95
N GLU B 284 -23.81 7.75 -29.21
CA GLU B 284 -23.53 6.71 -28.23
C GLU B 284 -22.33 6.98 -27.29
N TRP B 285 -21.32 7.68 -27.79
CA TRP B 285 -20.11 7.93 -27.00
C TRP B 285 -20.14 9.26 -26.25
N HIS B 286 -21.27 9.94 -26.27
CA HIS B 286 -21.35 11.29 -25.69
C HIS B 286 -22.37 11.34 -24.56
N VAL B 287 -22.86 10.16 -24.19
CA VAL B 287 -23.80 10.02 -23.09
C VAL B 287 -23.15 10.37 -21.76
N LEU B 288 -21.93 9.88 -21.56
CA LEU B 288 -21.16 10.17 -20.35
C LEU B 288 -20.23 11.38 -20.56
N PRO B 289 -20.05 12.19 -19.50
CA PRO B 289 -19.18 13.37 -19.56
C PRO B 289 -17.76 13.01 -19.99
N GLN B 290 -17.07 12.18 -19.21
CA GLN B 290 -15.78 11.65 -19.62
C GLN B 290 -15.92 10.16 -19.93
N GLU B 291 -16.22 9.87 -21.19
CA GLU B 291 -16.42 8.51 -21.66
C GLU B 291 -15.11 7.98 -22.21
N SER B 292 -14.86 6.69 -21.99
CA SER B 292 -13.62 6.05 -22.43
C SER B 292 -13.89 4.58 -22.76
N VAL B 293 -12.85 3.86 -23.17
CA VAL B 293 -12.98 2.44 -23.48
C VAL B 293 -13.19 1.58 -22.21
N PHE B 294 -12.77 2.09 -21.05
CA PHE B 294 -12.99 1.37 -19.80
C PHE B 294 -14.19 1.97 -19.05
N ARG B 295 -14.96 2.77 -19.77
CA ARG B 295 -16.22 3.26 -19.24
C ARG B 295 -17.19 3.58 -20.38
N PHE B 296 -17.70 2.52 -21.02
CA PHE B 296 -18.66 2.69 -22.10
C PHE B 296 -20.11 2.70 -21.58
N SER B 297 -20.96 3.44 -22.27
CA SER B 297 -22.32 3.68 -21.81
C SER B 297 -23.16 2.41 -21.69
N PHE B 298 -23.09 1.54 -22.68
CA PHE B 298 -24.04 0.45 -22.75
C PHE B 298 -23.36 -0.89 -22.63
N VAL B 299 -23.48 -1.46 -21.43
CA VAL B 299 -22.84 -2.70 -21.05
C VAL B 299 -23.91 -3.51 -20.34
N PRO B 300 -23.63 -4.79 -20.00
CA PRO B 300 -24.64 -5.57 -19.26
C PRO B 300 -25.10 -4.91 -17.96
N VAL B 301 -26.38 -5.03 -17.68
CA VAL B 301 -27.02 -4.39 -16.53
C VAL B 301 -27.37 -5.44 -15.46
N VAL B 302 -27.15 -5.11 -14.20
CA VAL B 302 -27.55 -6.01 -13.12
C VAL B 302 -28.96 -5.69 -12.70
N ASP B 303 -29.90 -6.56 -13.08
CA ASP B 303 -31.34 -6.27 -12.97
C ASP B 303 -32.12 -7.38 -12.30
N GLY B 304 -31.45 -8.45 -11.90
CA GLY B 304 -32.11 -9.55 -11.22
C GLY B 304 -32.60 -10.62 -12.17
N ASP B 305 -32.68 -10.28 -13.46
CA ASP B 305 -33.06 -11.27 -14.46
C ASP B 305 -31.85 -12.09 -14.92
N PHE B 306 -31.08 -11.59 -15.89
CA PHE B 306 -29.94 -12.35 -16.39
C PHE B 306 -28.92 -12.59 -15.28
N LEU B 307 -28.63 -11.55 -14.53
CA LEU B 307 -27.80 -11.64 -13.33
C LEU B 307 -28.63 -11.31 -12.08
N SER B 308 -28.84 -12.28 -11.21
CA SER B 308 -29.68 -12.09 -10.02
C SER B 308 -29.03 -11.13 -9.00
N ASP B 309 -27.70 -11.05 -9.02
CA ASP B 309 -26.93 -10.11 -8.19
C ASP B 309 -25.70 -9.63 -8.97
N THR B 310 -24.90 -8.76 -8.37
CA THR B 310 -23.63 -8.38 -9.00
C THR B 310 -22.76 -9.61 -9.20
N PRO B 311 -21.92 -9.59 -10.22
CA PRO B 311 -21.04 -10.73 -10.47
C PRO B 311 -20.12 -11.02 -9.28
N GLU B 312 -19.70 -9.96 -8.58
CA GLU B 312 -18.86 -10.17 -7.41
C GLU B 312 -19.61 -11.00 -6.35
N ALA B 313 -20.84 -10.58 -6.04
CA ALA B 313 -21.70 -11.32 -5.13
C ALA B 313 -21.99 -12.76 -5.58
N LEU B 314 -22.29 -12.95 -6.86
CA LEU B 314 -22.66 -14.27 -7.37
C LEU B 314 -21.48 -15.23 -7.32
N ILE B 315 -20.29 -14.67 -7.49
CA ILE B 315 -19.06 -15.44 -7.41
C ILE B 315 -18.87 -15.97 -5.99
N ASN B 316 -18.89 -15.06 -5.02
CA ASN B 316 -18.67 -15.40 -3.62
C ASN B 316 -19.69 -16.40 -3.08
N ALA B 317 -20.93 -16.30 -3.57
CA ALA B 317 -22.00 -17.17 -3.12
C ALA B 317 -22.05 -18.49 -3.87
N GLY B 318 -21.12 -18.67 -4.79
CA GLY B 318 -21.24 -19.77 -5.74
C GLY B 318 -20.68 -21.10 -5.29
N ASP B 319 -21.31 -22.17 -5.74
CA ASP B 319 -20.75 -23.50 -5.58
C ASP B 319 -20.28 -23.97 -6.94
N PHE B 320 -18.97 -24.04 -7.12
CA PHE B 320 -18.40 -24.37 -8.42
C PHE B 320 -17.72 -25.74 -8.49
N HIS B 321 -18.24 -26.72 -7.77
CA HIS B 321 -17.67 -28.07 -7.88
C HIS B 321 -18.04 -28.68 -9.23
N GLY B 322 -17.08 -29.39 -9.83
CA GLY B 322 -17.32 -30.03 -11.10
C GLY B 322 -16.98 -29.16 -12.30
N LEU B 323 -16.59 -27.91 -12.03
CA LEU B 323 -16.26 -26.95 -13.07
C LEU B 323 -14.75 -26.84 -13.31
N GLN B 324 -14.33 -26.88 -14.57
CA GLN B 324 -12.93 -26.62 -14.91
C GLN B 324 -12.88 -25.31 -15.70
N VAL B 325 -11.88 -24.48 -15.41
CA VAL B 325 -11.80 -23.14 -15.98
C VAL B 325 -10.35 -22.83 -16.30
N LEU B 326 -10.12 -22.17 -17.43
CA LEU B 326 -8.79 -21.73 -17.79
C LEU B 326 -8.82 -20.20 -17.92
N VAL B 327 -7.98 -19.51 -17.16
CA VAL B 327 -7.96 -18.05 -17.14
C VAL B 327 -6.57 -17.49 -17.31
N GLY B 328 -6.48 -16.27 -17.82
CA GLY B 328 -5.18 -15.66 -18.01
C GLY B 328 -5.17 -14.22 -18.47
N VAL B 329 -3.98 -13.67 -18.53
CA VAL B 329 -3.79 -12.28 -18.94
C VAL B 329 -2.55 -12.21 -19.82
N VAL B 330 -2.42 -11.12 -20.58
CA VAL B 330 -1.16 -10.83 -21.25
C VAL B 330 -0.25 -10.08 -20.28
N LYS B 331 1.00 -9.88 -20.67
CA LYS B 331 2.01 -9.31 -19.77
C LYS B 331 1.76 -7.83 -19.45
N ASP B 332 1.33 -7.08 -20.46
CA ASP B 332 1.14 -5.64 -20.30
C ASP B 332 -0.27 -5.23 -20.71
N GLU B 333 -1.25 -5.64 -19.89
CA GLU B 333 -2.66 -5.41 -20.14
C GLU B 333 -3.05 -3.94 -20.29
N GLY B 334 -2.36 -3.06 -19.59
CA GLY B 334 -2.78 -1.67 -19.53
C GLY B 334 -2.28 -0.73 -20.60
N SER B 335 -1.21 -1.11 -21.28
CA SER B 335 -0.52 -0.24 -22.24
C SER B 335 -1.39 0.18 -23.43
N TYR B 336 -2.01 -0.81 -24.07
CA TYR B 336 -2.89 -0.58 -25.21
C TYR B 336 -3.88 0.54 -24.93
N PHE B 337 -4.42 0.59 -23.72
CA PHE B 337 -5.51 1.49 -23.40
C PHE B 337 -5.07 2.93 -23.22
N LEU B 338 -3.80 3.12 -22.88
CA LEU B 338 -3.31 4.44 -22.53
C LEU B 338 -3.34 5.44 -23.68
N VAL B 339 -3.25 4.95 -24.91
CA VAL B 339 -3.26 5.86 -26.06
C VAL B 339 -4.68 6.27 -26.45
N TYR B 340 -5.66 5.73 -25.74
CA TYR B 340 -7.06 6.13 -25.92
C TYR B 340 -7.55 7.05 -24.79
N GLY B 341 -6.84 8.15 -24.54
CA GLY B 341 -7.32 9.12 -23.59
C GLY B 341 -6.32 9.73 -22.60
N ALA B 342 -5.37 8.92 -22.15
CA ALA B 342 -4.41 9.37 -21.15
C ALA B 342 -3.50 10.47 -21.69
N PRO B 343 -3.40 11.58 -20.94
CA PRO B 343 -2.51 12.70 -21.31
C PRO B 343 -1.07 12.27 -21.49
N GLY B 344 -0.46 12.64 -22.62
CA GLY B 344 0.94 12.37 -22.87
C GLY B 344 1.26 11.11 -23.65
N PHE B 345 0.22 10.40 -24.08
CA PHE B 345 0.42 9.13 -24.76
C PHE B 345 0.16 9.19 -26.27
N SER B 346 0.96 8.41 -26.99
CA SER B 346 0.78 8.21 -28.42
C SER B 346 1.55 6.96 -28.82
N LYS B 347 1.13 6.34 -29.93
CA LYS B 347 1.83 5.17 -30.42
C LYS B 347 3.15 5.60 -31.09
N ASP B 348 3.29 6.89 -31.32
CA ASP B 348 4.37 7.39 -32.19
C ASP B 348 5.55 8.01 -31.43
N ASN B 349 5.44 8.19 -30.12
CA ASN B 349 6.62 8.49 -29.30
C ASN B 349 6.71 7.54 -28.12
N GLU B 350 7.62 7.82 -27.18
CA GLU B 350 7.85 6.91 -26.07
C GLU B 350 6.84 7.11 -24.94
N SER B 351 6.03 8.16 -25.04
CA SER B 351 4.99 8.46 -24.05
C SER B 351 5.54 8.59 -22.63
N LEU B 352 6.69 9.25 -22.49
CA LEU B 352 7.28 9.49 -21.18
C LEU B 352 6.58 10.64 -20.47
N ILE B 353 5.68 10.30 -19.55
CA ILE B 353 4.82 11.31 -18.92
C ILE B 353 5.44 11.91 -17.66
N SER B 354 4.97 13.11 -17.31
CA SER B 354 5.40 13.81 -16.12
C SER B 354 4.61 13.35 -14.89
N ARG B 355 5.09 13.72 -13.72
CA ARG B 355 4.39 13.41 -12.48
C ARG B 355 2.96 13.94 -12.51
N ALA B 356 2.78 15.12 -13.11
CA ALA B 356 1.45 15.72 -13.17
C ALA B 356 0.53 14.98 -14.17
N GLU B 357 1.12 14.48 -15.25
CA GLU B 357 0.36 13.75 -16.24
C GLU B 357 -0.03 12.40 -15.68
N PHE B 358 0.82 11.86 -14.82
CA PHE B 358 0.57 10.61 -14.12
C PHE B 358 -0.64 10.73 -13.19
N LEU B 359 -0.70 11.83 -12.43
CA LEU B 359 -1.82 12.07 -11.52
C LEU B 359 -3.11 12.23 -12.29
N ALA B 360 -3.03 12.91 -13.43
CA ALA B 360 -4.17 13.13 -14.30
C ALA B 360 -4.60 11.82 -14.97
N GLY B 361 -3.61 10.99 -15.30
CA GLY B 361 -3.87 9.71 -15.92
C GLY B 361 -4.63 8.77 -15.00
N VAL B 362 -4.28 8.80 -13.72
CA VAL B 362 -4.93 7.96 -12.73
C VAL B 362 -6.43 8.27 -12.70
N ARG B 363 -6.80 9.55 -12.70
CA ARG B 363 -8.22 9.94 -12.71
C ARG B 363 -8.98 9.39 -13.93
N VAL B 364 -8.32 9.39 -15.08
CA VAL B 364 -8.94 8.88 -16.31
C VAL B 364 -9.10 7.36 -16.27
N GLY B 365 -8.01 6.67 -15.93
CA GLY B 365 -7.97 5.22 -15.95
C GLY B 365 -8.69 4.56 -14.77
N VAL B 366 -8.82 5.29 -13.68
CA VAL B 366 -9.69 4.84 -12.60
C VAL B 366 -10.81 5.86 -12.42
N PRO B 367 -11.80 5.83 -13.32
CA PRO B 367 -12.83 6.87 -13.36
C PRO B 367 -13.87 6.72 -12.26
N GLN B 368 -14.45 7.86 -11.87
CA GLN B 368 -15.52 7.93 -10.85
C GLN B 368 -15.15 7.23 -9.54
N VAL B 369 -14.06 7.68 -8.92
CA VAL B 369 -13.74 7.30 -7.56
C VAL B 369 -13.44 8.57 -6.75
N SER B 370 -13.62 8.51 -5.44
CA SER B 370 -13.34 9.67 -4.58
C SER B 370 -11.88 10.08 -4.63
N ASP B 371 -11.61 11.34 -4.29
CA ASP B 371 -10.24 11.85 -4.25
C ASP B 371 -9.38 11.02 -3.28
N LEU B 372 -10.00 10.57 -2.20
CA LEU B 372 -9.35 9.68 -1.27
C LEU B 372 -8.89 8.41 -1.97
N ALA B 373 -9.75 7.85 -2.82
CA ALA B 373 -9.39 6.63 -3.52
C ALA B 373 -8.29 6.89 -4.54
N ALA B 374 -8.39 8.00 -5.26
CA ALA B 374 -7.38 8.37 -6.24
C ALA B 374 -6.02 8.57 -5.57
N GLU B 375 -6.04 9.18 -4.38
CA GLU B 375 -4.84 9.34 -3.57
C GLU B 375 -4.23 7.99 -3.23
N ALA B 376 -5.08 7.09 -2.75
CA ALA B 376 -4.64 5.76 -2.36
C ALA B 376 -3.93 5.05 -3.51
N VAL B 377 -4.43 5.23 -4.73
CA VAL B 377 -3.83 4.61 -5.90
C VAL B 377 -2.47 5.20 -6.18
N VAL B 378 -2.39 6.53 -6.18
CA VAL B 378 -1.12 7.20 -6.38
C VAL B 378 -0.04 6.74 -5.39
N LEU B 379 -0.44 6.54 -4.12
CA LEU B 379 0.47 6.06 -3.08
C LEU B 379 1.05 4.69 -3.42
N HIS B 380 0.18 3.75 -3.77
N HIS B 380 0.17 3.75 -3.76
CA HIS B 380 0.60 2.36 -3.97
CA HIS B 380 0.58 2.37 -3.98
C HIS B 380 1.43 2.17 -5.24
C HIS B 380 1.49 2.23 -5.20
N TYR B 381 1.31 3.11 -6.19
CA TYR B 381 2.04 2.97 -7.45
C TYR B 381 3.21 3.93 -7.62
N THR B 382 3.39 4.82 -6.67
CA THR B 382 4.57 5.68 -6.69
C THR B 382 5.76 4.96 -6.07
N ASP B 383 6.91 5.01 -6.74
CA ASP B 383 8.18 4.64 -6.11
C ASP B 383 8.74 5.89 -5.45
N TRP B 384 8.69 5.93 -4.12
CA TRP B 384 9.00 7.16 -3.40
C TRP B 384 10.50 7.47 -3.32
N LEU B 385 11.34 6.59 -3.87
CA LEU B 385 12.76 6.88 -4.03
C LEU B 385 13.02 7.50 -5.40
N HIS B 386 12.08 7.28 -6.32
CA HIS B 386 12.14 7.86 -7.67
C HIS B 386 10.77 8.37 -8.11
N PRO B 387 10.22 9.36 -7.40
CA PRO B 387 8.81 9.72 -7.62
C PRO B 387 8.50 10.38 -8.97
N GLU B 388 9.52 10.79 -9.73
CA GLU B 388 9.25 11.57 -10.93
C GLU B 388 9.95 11.05 -12.19
N ASP B 389 10.48 9.83 -12.11
CA ASP B 389 11.10 9.19 -13.26
C ASP B 389 10.05 8.87 -14.31
N PRO B 390 10.08 9.59 -15.45
CA PRO B 390 9.06 9.49 -16.51
C PRO B 390 8.85 8.06 -17.05
N ALA B 391 9.91 7.28 -17.18
CA ALA B 391 9.75 5.90 -17.65
C ALA B 391 8.99 5.06 -16.62
N ARG B 392 9.36 5.22 -15.35
CA ARG B 392 8.73 4.49 -14.27
C ARG B 392 7.27 4.91 -14.11
N LEU B 393 6.99 6.19 -14.35
CA LEU B 393 5.64 6.71 -14.27
C LEU B 393 4.73 6.16 -15.38
N ARG B 394 5.30 6.05 -16.57
CA ARG B 394 4.62 5.43 -17.70
C ARG B 394 4.26 3.97 -17.39
N GLU B 395 5.27 3.21 -16.95
CA GLU B 395 5.04 1.82 -16.54
C GLU B 395 3.97 1.72 -15.45
N ALA B 396 4.01 2.65 -14.50
CA ALA B 396 3.10 2.63 -13.37
C ALA B 396 1.66 2.94 -13.81
N LEU B 397 1.49 3.91 -14.70
CA LEU B 397 0.14 4.22 -15.18
C LEU B 397 -0.42 3.05 -15.96
N SER B 398 0.45 2.36 -16.67
CA SER B 398 0.04 1.19 -17.43
C SER B 398 -0.41 0.11 -16.45
N ASP B 399 0.35 -0.05 -15.37
CA ASP B 399 0.01 -1.02 -14.33
C ASP B 399 -1.28 -0.65 -13.62
N VAL B 400 -1.49 0.65 -13.36
CA VAL B 400 -2.71 1.10 -12.72
C VAL B 400 -3.92 0.64 -13.51
N VAL B 401 -3.99 1.08 -14.77
CA VAL B 401 -5.11 0.77 -15.63
C VAL B 401 -5.27 -0.73 -15.83
N GLY B 402 -4.17 -1.41 -16.16
CA GLY B 402 -4.20 -2.84 -16.37
C GLY B 402 -4.61 -3.66 -15.16
N ASP B 403 -4.07 -3.31 -13.99
CA ASP B 403 -4.36 -4.07 -12.78
C ASP B 403 -5.81 -3.89 -12.36
N HIS B 404 -6.28 -2.64 -12.42
CA HIS B 404 -7.67 -2.30 -12.09
C HIS B 404 -8.71 -2.96 -13.01
N ASN B 405 -8.44 -2.97 -14.31
CA ASN B 405 -9.45 -3.37 -15.26
C ASN B 405 -9.41 -4.85 -15.68
N VAL B 406 -8.24 -5.45 -15.62
CA VAL B 406 -8.10 -6.81 -16.11
C VAL B 406 -7.50 -7.76 -15.07
N VAL B 407 -6.24 -7.53 -14.72
CA VAL B 407 -5.50 -8.52 -13.94
C VAL B 407 -6.16 -8.84 -12.61
N CYS B 408 -6.45 -7.82 -11.81
CA CYS B 408 -7.01 -8.09 -10.50
C CYS B 408 -8.44 -8.67 -10.54
N PRO B 409 -9.32 -8.17 -11.45
CA PRO B 409 -10.57 -8.93 -11.63
C PRO B 409 -10.34 -10.41 -12.00
N VAL B 410 -9.42 -10.71 -12.92
CA VAL B 410 -9.15 -12.10 -13.27
C VAL B 410 -8.63 -12.89 -12.06
N ALA B 411 -7.73 -12.29 -11.30
CA ALA B 411 -7.20 -12.91 -10.08
C ALA B 411 -8.26 -13.18 -9.02
N GLN B 412 -9.12 -12.20 -8.77
CA GLN B 412 -10.19 -12.41 -7.82
C GLN B 412 -11.06 -13.59 -8.22
N LEU B 413 -11.42 -13.63 -9.50
CA LEU B 413 -12.22 -14.71 -10.06
C LEU B 413 -11.56 -16.07 -9.87
N ALA B 414 -10.30 -16.17 -10.29
CA ALA B 414 -9.54 -17.42 -10.17
C ALA B 414 -9.55 -17.94 -8.75
N GLY B 415 -9.16 -17.07 -7.80
CA GLY B 415 -9.06 -17.46 -6.41
C GLY B 415 -10.37 -17.90 -5.80
N ARG B 416 -11.43 -17.15 -6.08
CA ARG B 416 -12.73 -17.49 -5.55
C ARG B 416 -13.32 -18.76 -6.17
N LEU B 417 -13.02 -19.02 -7.44
CA LEU B 417 -13.53 -20.24 -8.08
C LEU B 417 -12.78 -21.44 -7.55
N ALA B 418 -11.47 -21.28 -7.33
CA ALA B 418 -10.65 -22.37 -6.86
C ALA B 418 -11.03 -22.75 -5.43
N ALA B 419 -11.21 -21.74 -4.59
CA ALA B 419 -11.63 -21.93 -3.20
C ALA B 419 -12.98 -22.61 -3.09
N GLN B 420 -13.85 -22.38 -4.07
CA GLN B 420 -15.21 -22.84 -3.95
C GLN B 420 -15.55 -24.00 -4.85
N GLY B 421 -14.52 -24.71 -5.30
CA GLY B 421 -14.75 -26.00 -5.94
C GLY B 421 -14.11 -26.21 -7.30
N ALA B 422 -13.93 -25.13 -8.05
CA ALA B 422 -13.56 -25.26 -9.46
C ALA B 422 -12.09 -25.59 -9.64
N ARG B 423 -11.78 -26.37 -10.68
CA ARG B 423 -10.40 -26.59 -11.02
C ARG B 423 -9.97 -25.48 -11.97
N VAL B 424 -8.98 -24.71 -11.55
CA VAL B 424 -8.58 -23.52 -12.29
C VAL B 424 -7.17 -23.65 -12.82
N TYR B 425 -6.96 -23.28 -14.08
CA TYR B 425 -5.63 -23.20 -14.65
C TYR B 425 -5.40 -21.75 -15.08
N ALA B 426 -4.19 -21.24 -14.87
CA ALA B 426 -3.93 -19.83 -15.07
C ALA B 426 -2.62 -19.57 -15.81
N TYR B 427 -2.62 -18.58 -16.69
CA TYR B 427 -1.44 -18.27 -17.49
C TYR B 427 -1.17 -16.77 -17.55
N VAL B 428 0.09 -16.42 -17.81
CA VAL B 428 0.40 -15.07 -18.28
C VAL B 428 1.04 -15.22 -19.66
N PHE B 429 0.49 -14.54 -20.64
CA PHE B 429 1.00 -14.65 -22.00
C PHE B 429 2.10 -13.63 -22.21
N GLU B 430 3.34 -14.08 -22.37
CA GLU B 430 4.48 -13.17 -22.34
C GLU B 430 5.19 -12.93 -23.67
N HIS B 431 4.64 -13.42 -24.77
CA HIS B 431 5.35 -13.27 -26.04
C HIS B 431 4.84 -12.13 -26.90
N ARG B 432 5.75 -11.24 -27.28
CA ARG B 432 5.41 -10.17 -28.18
C ARG B 432 5.55 -10.62 -29.63
N ALA B 433 4.46 -10.53 -30.37
CA ALA B 433 4.44 -10.97 -31.77
C ALA B 433 5.46 -10.21 -32.62
N SER B 434 6.09 -10.92 -33.55
CA SER B 434 7.09 -10.32 -34.44
C SER B 434 6.42 -9.37 -35.43
N THR B 435 5.13 -9.55 -35.64
CA THR B 435 4.40 -8.80 -36.65
C THR B 435 3.72 -7.59 -36.03
N LEU B 436 3.90 -7.44 -34.72
CA LEU B 436 3.22 -6.41 -33.94
C LEU B 436 3.59 -5.01 -34.42
N SER B 437 2.60 -4.16 -34.62
CA SER B 437 2.85 -2.83 -35.18
C SER B 437 2.77 -1.70 -34.14
N TRP B 438 2.28 -2.02 -32.94
CA TRP B 438 2.32 -1.07 -31.82
C TRP B 438 3.77 -0.90 -31.35
N PRO B 439 4.11 0.29 -30.85
CA PRO B 439 5.47 0.62 -30.38
C PRO B 439 6.03 -0.37 -29.35
N LEU B 440 7.35 -0.42 -29.24
CA LEU B 440 8.00 -1.42 -28.40
C LEU B 440 7.73 -1.24 -26.90
N TRP B 441 7.34 -0.02 -26.48
CA TRP B 441 7.13 0.24 -25.06
C TRP B 441 5.81 -0.35 -24.55
N MET B 442 4.92 -0.73 -25.45
CA MET B 442 3.65 -1.31 -25.05
C MET B 442 3.80 -2.77 -24.65
N GLY B 443 4.99 -3.34 -24.84
CA GLY B 443 5.25 -4.73 -24.53
C GLY B 443 4.32 -5.70 -25.25
N VAL B 444 3.71 -6.60 -24.48
CA VAL B 444 2.68 -7.47 -25.00
C VAL B 444 1.31 -6.90 -24.65
N PRO B 445 0.65 -6.25 -25.62
CA PRO B 445 -0.59 -5.53 -25.32
C PRO B 445 -1.83 -6.42 -25.28
N HIS B 446 -2.92 -5.83 -24.80
CA HIS B 446 -4.20 -6.49 -24.68
C HIS B 446 -4.72 -7.02 -26.03
N GLY B 447 -5.05 -8.30 -26.05
CA GLY B 447 -5.62 -8.91 -27.24
C GLY B 447 -4.66 -9.58 -28.20
N TYR B 448 -3.36 -9.57 -27.89
CA TYR B 448 -2.41 -10.08 -28.87
C TYR B 448 -1.91 -11.49 -28.55
N GLU B 449 -2.67 -12.20 -27.73
CA GLU B 449 -2.49 -13.63 -27.59
C GLU B 449 -3.50 -14.35 -28.49
N ILE B 450 -4.53 -13.63 -28.95
CA ILE B 450 -5.64 -14.27 -29.65
C ILE B 450 -5.18 -14.95 -30.93
N GLU B 451 -4.41 -14.20 -31.73
CA GLU B 451 -3.90 -14.72 -32.99
C GLU B 451 -3.08 -16.01 -32.82
N PHE B 452 -2.42 -16.17 -31.68
CA PHE B 452 -1.70 -17.41 -31.43
C PHE B 452 -2.62 -18.56 -31.02
N ILE B 453 -3.69 -18.25 -30.29
CA ILE B 453 -4.64 -19.29 -29.89
C ILE B 453 -5.38 -19.84 -31.11
N PHE B 454 -5.72 -18.93 -32.03
CA PHE B 454 -6.42 -19.30 -33.25
C PHE B 454 -5.47 -19.81 -34.33
N GLY B 455 -4.18 -19.85 -34.03
CA GLY B 455 -3.19 -20.42 -34.93
C GLY B 455 -2.89 -19.62 -36.20
N ILE B 456 -3.32 -18.36 -36.22
CA ILE B 456 -3.12 -17.50 -37.37
C ILE B 456 -1.68 -17.50 -37.95
N PRO B 457 -0.63 -17.67 -37.11
CA PRO B 457 0.69 -17.76 -37.74
C PRO B 457 0.87 -18.88 -38.79
N LEU B 458 0.01 -19.90 -38.76
CA LEU B 458 0.08 -20.98 -39.74
C LEU B 458 -0.34 -20.53 -41.14
N ASP B 459 -0.93 -19.35 -41.23
CA ASP B 459 -1.29 -18.76 -42.51
C ASP B 459 -0.04 -18.19 -43.19
N PRO B 460 0.43 -18.85 -44.26
CA PRO B 460 1.68 -18.50 -44.96
C PRO B 460 1.71 -17.05 -45.42
N SER B 461 0.55 -16.50 -45.79
CA SER B 461 0.47 -15.14 -46.33
C SER B 461 0.83 -14.09 -45.31
N ARG B 462 0.84 -14.49 -44.03
CA ARG B 462 1.31 -13.64 -42.96
C ARG B 462 2.75 -14.02 -42.63
N ASN B 463 3.53 -13.07 -42.15
CA ASN B 463 4.96 -13.28 -42.11
C ASN B 463 5.48 -13.55 -40.70
N TYR B 464 4.93 -14.58 -40.06
CA TYR B 464 5.39 -14.99 -38.75
C TYR B 464 6.65 -15.86 -38.88
N THR B 465 7.40 -15.98 -37.78
CA THR B 465 8.60 -16.80 -37.76
C THR B 465 8.23 -18.26 -37.57
N ALA B 466 9.16 -19.14 -37.90
CA ALA B 466 8.92 -20.56 -37.73
C ALA B 466 8.76 -20.91 -36.24
N GLU B 467 9.42 -20.16 -35.36
CA GLU B 467 9.31 -20.42 -33.93
C GLU B 467 7.90 -20.06 -33.44
N GLU B 468 7.39 -18.95 -33.95
CA GLU B 468 6.03 -18.54 -33.61
C GLU B 468 4.99 -19.57 -34.06
N LYS B 469 5.26 -20.24 -35.19
CA LYS B 469 4.37 -21.31 -35.66
C LYS B 469 4.39 -22.50 -34.71
N ILE B 470 5.57 -22.85 -34.23
CA ILE B 470 5.71 -23.90 -33.22
C ILE B 470 4.92 -23.52 -31.97
N PHE B 471 5.02 -22.23 -31.61
CA PHE B 471 4.44 -21.71 -30.38
C PHE B 471 2.93 -21.72 -30.46
N ALA B 472 2.40 -21.26 -31.60
CA ALA B 472 0.98 -21.31 -31.88
C ALA B 472 0.45 -22.72 -31.75
N GLN B 473 1.19 -23.69 -32.27
CA GLN B 473 0.75 -25.07 -32.20
C GLN B 473 0.73 -25.57 -30.76
N ARG B 474 1.68 -25.10 -29.95
CA ARG B 474 1.68 -25.46 -28.53
C ARG B 474 0.41 -24.98 -27.84
N LEU B 475 0.05 -23.72 -28.09
CA LEU B 475 -1.10 -23.11 -27.44
C LEU B 475 -2.41 -23.78 -27.85
N MET B 476 -2.59 -23.95 -29.16
CA MET B 476 -3.74 -24.66 -29.68
C MET B 476 -3.91 -26.03 -29.00
N ARG B 477 -2.78 -26.71 -28.80
CA ARG B 477 -2.78 -27.99 -28.11
C ARG B 477 -3.32 -27.84 -26.68
N TYR B 478 -2.79 -26.88 -25.91
CA TYR B 478 -3.26 -26.59 -24.56
C TYR B 478 -4.77 -26.33 -24.51
N TRP B 479 -5.22 -25.34 -25.28
CA TRP B 479 -6.64 -24.98 -25.32
C TRP B 479 -7.50 -26.18 -25.70
N ALA B 480 -7.07 -26.93 -26.72
CA ALA B 480 -7.85 -28.07 -27.19
C ALA B 480 -7.83 -29.21 -26.17
N ASN B 481 -6.67 -29.43 -25.55
CA ASN B 481 -6.55 -30.37 -24.45
C ASN B 481 -7.51 -29.99 -23.32
N PHE B 482 -7.55 -28.71 -22.97
CA PHE B 482 -8.45 -28.27 -21.92
C PHE B 482 -9.88 -28.53 -22.33
N ALA B 483 -10.21 -28.22 -23.58
CA ALA B 483 -11.54 -28.47 -24.13
C ALA B 483 -11.93 -29.95 -24.00
N ARG B 484 -11.06 -30.85 -24.48
CA ARG B 484 -11.31 -32.29 -24.41
C ARG B 484 -11.42 -32.85 -22.99
N THR B 485 -10.42 -32.54 -22.16
CA THR B 485 -10.26 -33.24 -20.89
C THR B 485 -10.48 -32.40 -19.64
N GLY B 486 -10.52 -31.08 -19.77
CA GLY B 486 -10.66 -30.19 -18.63
C GLY B 486 -9.34 -29.91 -17.97
N ASP B 487 -8.27 -30.26 -18.68
CA ASP B 487 -6.90 -30.18 -18.16
C ASP B 487 -6.02 -29.92 -19.37
N PRO B 488 -5.34 -28.77 -19.39
CA PRO B 488 -4.53 -28.37 -20.56
C PRO B 488 -3.27 -29.22 -20.72
N ASN B 489 -3.01 -30.12 -19.79
CA ASN B 489 -1.78 -30.89 -19.82
C ASN B 489 -1.80 -32.07 -20.76
N GLU B 490 -0.64 -32.29 -21.39
CA GLU B 490 -0.43 -33.37 -22.34
C GLU B 490 -0.73 -34.75 -21.73
N PRO B 491 -1.81 -35.39 -22.21
CA PRO B 491 -2.18 -36.72 -21.72
C PRO B 491 -1.06 -37.72 -21.97
N ARG B 492 -0.49 -38.28 -20.89
CA ARG B 492 0.56 -39.30 -20.96
C ARG B 492 1.91 -38.79 -21.49
N ASP B 493 2.12 -37.48 -21.47
CA ASP B 493 3.47 -36.95 -21.69
C ASP B 493 4.06 -36.57 -20.32
N PRO B 494 5.12 -37.27 -19.91
CA PRO B 494 5.73 -37.13 -18.58
C PRO B 494 6.88 -36.11 -18.51
N LYS B 495 7.82 -36.16 -19.47
CA LYS B 495 8.99 -35.29 -19.45
C LYS B 495 8.69 -33.84 -19.83
N ALA B 496 7.50 -33.63 -20.39
CA ALA B 496 7.01 -32.28 -20.69
C ALA B 496 6.58 -31.55 -19.41
N PRO B 497 7.06 -30.31 -19.22
CA PRO B 497 6.81 -29.49 -18.02
C PRO B 497 5.32 -29.39 -17.71
N GLN B 498 4.94 -29.56 -16.45
CA GLN B 498 3.52 -29.62 -16.11
C GLN B 498 2.93 -28.28 -15.69
N TRP B 499 1.69 -28.08 -16.08
CA TRP B 499 0.93 -26.88 -15.75
C TRP B 499 0.03 -27.22 -14.55
N PRO B 500 0.40 -26.72 -13.36
CA PRO B 500 -0.35 -27.03 -12.14
C PRO B 500 -1.60 -26.19 -12.00
N PRO B 501 -2.62 -26.71 -11.31
CA PRO B 501 -3.81 -25.90 -11.05
C PRO B 501 -3.51 -24.65 -10.22
N TYR B 502 -4.30 -23.59 -10.44
CA TYR B 502 -4.25 -22.39 -9.62
C TYR B 502 -5.14 -22.56 -8.39
N THR B 503 -4.58 -22.33 -7.21
CA THR B 503 -5.35 -22.37 -5.95
C THR B 503 -5.13 -21.07 -5.15
N ALA B 504 -6.08 -20.74 -4.28
CA ALA B 504 -6.08 -19.49 -3.51
C ALA B 504 -4.77 -19.29 -2.71
N GLY B 505 -4.23 -20.37 -2.18
CA GLY B 505 -2.98 -20.33 -1.43
C GLY B 505 -1.74 -20.25 -2.31
N ALA B 506 -1.41 -21.35 -2.97
CA ALA B 506 -0.18 -21.40 -3.79
C ALA B 506 -0.19 -20.37 -4.93
N GLN B 507 -1.37 -20.09 -5.49
CA GLN B 507 -1.54 -19.10 -6.55
C GLN B 507 -0.60 -19.32 -7.74
N GLN B 508 -0.45 -20.57 -8.14
CA GLN B 508 0.45 -20.93 -9.23
C GLN B 508 -0.12 -20.71 -10.63
N TYR B 509 0.72 -20.23 -11.54
CA TYR B 509 0.33 -20.02 -12.93
C TYR B 509 1.55 -20.23 -13.80
N VAL B 510 1.35 -20.45 -15.09
CA VAL B 510 2.48 -20.66 -15.99
C VAL B 510 2.66 -19.47 -16.91
N SER B 511 3.87 -19.29 -17.41
CA SER B 511 4.12 -18.26 -18.40
C SER B 511 4.10 -18.92 -19.77
N LEU B 512 3.48 -18.26 -20.74
CA LEU B 512 3.42 -18.77 -22.09
C LEU B 512 4.25 -17.89 -23.02
N ASP B 513 5.41 -18.39 -23.44
CA ASP B 513 6.13 -17.79 -24.57
C ASP B 513 6.98 -18.86 -25.22
N LEU B 514 7.94 -18.43 -26.04
CA LEU B 514 8.76 -19.35 -26.82
C LEU B 514 9.47 -20.41 -25.97
N ARG B 515 9.96 -20.02 -24.80
CA ARG B 515 10.60 -20.96 -23.86
C ARG B 515 9.58 -21.96 -23.32
N PRO B 516 10.02 -23.06 -22.71
CA PRO B 516 9.08 -23.98 -22.09
C PRO B 516 8.36 -23.39 -20.87
N LEU B 517 7.33 -24.08 -20.40
CA LEU B 517 6.55 -23.64 -19.24
C LEU B 517 7.38 -23.34 -18.01
N GLU B 518 7.23 -22.13 -17.48
CA GLU B 518 7.82 -21.78 -16.19
C GLU B 518 6.67 -21.57 -15.19
N VAL B 519 6.71 -22.26 -14.05
CA VAL B 519 5.68 -22.07 -13.04
C VAL B 519 6.05 -20.92 -12.10
N ARG B 520 5.09 -20.04 -11.83
CA ARG B 520 5.30 -18.88 -10.97
C ARG B 520 4.16 -18.73 -9.97
N ARG B 521 4.35 -17.87 -8.96
CA ARG B 521 3.33 -17.67 -7.94
C ARG B 521 2.80 -16.24 -7.92
N GLY B 522 1.49 -16.12 -7.72
CA GLY B 522 0.85 -14.84 -7.52
C GLY B 522 0.66 -14.02 -8.77
N LEU B 523 -0.60 -13.75 -9.09
CA LEU B 523 -0.94 -12.85 -10.17
C LEU B 523 -0.96 -11.41 -9.68
N ARG B 524 0.22 -10.78 -9.66
CA ARG B 524 0.40 -9.44 -9.07
C ARG B 524 -0.28 -9.36 -7.71
N ALA B 525 0.10 -10.28 -6.83
CA ALA B 525 -0.60 -10.48 -5.56
C ALA B 525 -0.65 -9.22 -4.69
N GLN B 526 0.48 -8.54 -4.52
CA GLN B 526 0.50 -7.31 -3.72
C GLN B 526 -0.42 -6.23 -4.28
N ALA B 527 -0.34 -5.98 -5.58
CA ALA B 527 -1.20 -4.98 -6.22
C ALA B 527 -2.67 -5.35 -6.11
N CYS B 528 -2.97 -6.63 -6.28
CA CYS B 528 -4.37 -7.03 -6.36
C CYS B 528 -4.99 -7.13 -4.98
N ALA B 529 -4.17 -7.38 -3.97
CA ALA B 529 -4.66 -7.27 -2.60
C ALA B 529 -5.23 -5.87 -2.39
N PHE B 530 -4.50 -4.88 -2.88
CA PHE B 530 -4.98 -3.51 -2.86
C PHE B 530 -6.32 -3.36 -3.59
N TRP B 531 -6.40 -3.81 -4.85
CA TRP B 531 -7.62 -3.57 -5.63
C TRP B 531 -8.81 -4.42 -5.18
N ASN B 532 -8.53 -5.62 -4.69
CA ASN B 532 -9.59 -6.56 -4.35
C ASN B 532 -10.00 -6.59 -2.87
N ARG B 533 -9.05 -6.37 -1.98
CA ARG B 533 -9.35 -6.48 -0.56
C ARG B 533 -9.55 -5.12 0.12
N PHE B 534 -8.73 -4.14 -0.21
CA PHE B 534 -8.77 -2.88 0.53
C PHE B 534 -9.62 -1.79 -0.14
N LEU B 535 -9.35 -1.51 -1.41
CA LEU B 535 -9.96 -0.36 -2.06
C LEU B 535 -11.50 -0.35 -2.09
N PRO B 536 -12.14 -1.54 -2.09
CA PRO B 536 -13.59 -1.44 -1.96
C PRO B 536 -14.06 -0.96 -0.57
N LYS B 537 -13.40 -1.44 0.49
CA LYS B 537 -13.73 -1.07 1.89
C LYS B 537 -13.68 0.43 2.11
N LEU B 538 -12.85 1.10 1.31
CA LEU B 538 -12.63 2.51 1.41
C LEU B 538 -13.72 3.28 0.70
N LEU B 539 -14.29 2.69 -0.34
CA LEU B 539 -15.36 3.33 -1.08
C LEU B 539 -16.68 3.34 -0.27
N SER B 540 -16.85 2.32 0.58
CA SER B 540 -17.99 2.26 1.50
C SER B 540 -17.98 3.41 2.53
N ALA B 541 -17.00 3.39 3.43
CA ALA B 541 -16.84 4.44 4.45
C ALA B 541 -16.06 5.64 3.90
#